data_6WMZ
#
_entry.id   6WMZ
#
_cell.length_a   66.630
_cell.length_b   112.940
_cell.length_c   204.620
_cell.angle_alpha   90.000
_cell.angle_beta   90.000
_cell.angle_gamma   90.000
#
_symmetry.space_group_name_H-M   'P 21 21 21'
#
loop_
_entity.id
_entity.type
_entity.pdbx_description
1 polymer 'Splicing factor, proline- and glutamine-rich'
2 polymer 'Non-POU domain-containing octamer-binding protein'
3 non-polymer 'SULFATE ION'
4 water water
#
loop_
_entity_poly.entity_id
_entity_poly.type
_entity_poly.pdbx_seq_one_letter_code
_entity_poly.pdbx_strand_id
1 'polypeptide(L)'
;GAMGGPKPGGGPGLSTPGGHPKPPHRGGGEPRGGRQHHPPYHQQHHQGPPPGGPGGRSEEKISDSEGFKANLSLLRRPGE
KTYTQRCRLFVGNLPADITEDEFKRLFAKYGEPGEVFINKGKGFGFIKLESRALAEIAKAELDDTPMRGRQLRVRFATHA
AALSVRNLSPYVSNELLEEAFSQFGPIERAVVIVDDRGRSTGKGIVEFASKPAARKAFERCSEGVFLLTTTPRPVIVEPL
EQLDDEDGLPEKLAQKNPMYQKERETPPRFAQHGTFEYEYSQRWKSLDEMEKQQREQVEKNMKDAKDKLESEMEDAYHEH
QANLLRQDLMRRQEELRRMEELHNQEMQKRKEMQLRQEEERRRREEEMMIRQREMEEQMRRQREESYS
;
A,C
2 'polypeptide(L)'
;MEGLTIDLKNFRKPGEKTFTQRSRLFVGNLPPDITEEEMRKLFEKYGKAGEVFIHKDKGFGFIRLETRTLAEIAKVELDN
MPLRGKQLRVRFACHSASLTVRNLPQYVSNELLEEAFSVFGQVERAVVIVDDRGRPSGKGIVEFSGKPAARKALDRCSEG
SFLLTTFPRPVTVEPMDQLDDEEGLPEKLVIKNQQFHKEREQPPRFAQPGSFEYEYAMRWKALIEMEKQQQDQVDRNIKE
AREKLEMEMEAARHEHQVMLM
;
B,D
#
loop_
_chem_comp.id
_chem_comp.type
_chem_comp.name
_chem_comp.formula
SO4 non-polymer 'SULFATE ION' 'O4 S -2'
#
# COMPACT_ATOMS: atom_id res chain seq x y z
N LYS A 81 -6.78 34.21 -26.15
CA LYS A 81 -8.22 33.97 -25.75
C LYS A 81 -8.36 34.15 -24.23
N THR A 82 -9.20 35.10 -23.82
CA THR A 82 -9.32 35.59 -22.41
C THR A 82 -10.37 34.77 -21.65
N TYR A 83 -10.15 34.58 -20.34
CA TYR A 83 -11.10 34.01 -19.36
C TYR A 83 -11.46 32.56 -19.73
N THR A 84 -10.44 31.74 -20.01
CA THR A 84 -10.57 30.29 -20.34
C THR A 84 -10.57 29.48 -19.04
N GLN A 85 -10.79 28.16 -19.14
CA GLN A 85 -10.75 27.21 -18.00
C GLN A 85 -9.31 27.03 -17.51
N ARG A 86 -8.31 27.47 -18.30
CA ARG A 86 -6.87 27.50 -17.92
C ARG A 86 -6.57 28.74 -17.06
N CYS A 87 -7.38 29.80 -17.18
CA CYS A 87 -7.30 31.03 -16.34
C CYS A 87 -8.04 30.85 -15.01
N ARG A 88 -8.76 29.73 -14.84
CA ARG A 88 -9.64 29.46 -13.67
C ARG A 88 -8.79 28.96 -12.50
N LEU A 89 -8.81 29.68 -11.38
CA LEU A 89 -8.16 29.28 -10.10
C LEU A 89 -9.19 28.66 -9.16
N PHE A 90 -8.78 27.66 -8.40
CA PHE A 90 -9.47 27.11 -7.21
C PHE A 90 -8.86 27.78 -5.97
N VAL A 91 -9.69 28.15 -4.99
CA VAL A 91 -9.26 28.73 -3.69
C VAL A 91 -9.96 27.95 -2.57
N GLY A 92 -9.21 27.19 -1.79
CA GLY A 92 -9.71 26.40 -0.65
C GLY A 92 -9.36 27.05 0.68
N ASN A 93 -9.92 26.55 1.78
CA ASN A 93 -9.72 27.02 3.17
C ASN A 93 -10.22 28.46 3.30
N LEU A 94 -11.26 28.84 2.55
CA LEU A 94 -11.96 30.13 2.70
C LEU A 94 -12.77 30.08 3.99
N PRO A 95 -12.83 31.18 4.78
CA PRO A 95 -13.74 31.25 5.92
C PRO A 95 -15.20 31.08 5.44
N ALA A 96 -16.04 30.41 6.23
CA ALA A 96 -17.49 30.30 5.99
C ALA A 96 -18.11 31.71 6.01
N ASP A 97 -17.51 32.61 6.78
CA ASP A 97 -17.90 34.04 6.94
C ASP A 97 -17.15 34.89 5.91
N ILE A 98 -17.53 34.81 4.63
CA ILE A 98 -17.00 35.67 3.52
C ILE A 98 -18.17 36.14 2.65
N THR A 99 -17.96 37.23 1.90
CA THR A 99 -18.88 37.75 0.85
C THR A 99 -18.26 37.43 -0.52
N GLU A 100 -19.04 37.54 -1.59
CA GLU A 100 -18.54 37.35 -2.98
C GLU A 100 -17.63 38.53 -3.36
N ASP A 101 -17.78 39.68 -2.68
CA ASP A 101 -16.98 40.91 -2.94
C ASP A 101 -15.72 40.91 -2.07
N GLU A 102 -15.77 40.32 -0.88
CA GLU A 102 -14.57 40.09 -0.02
C GLU A 102 -13.59 39.20 -0.79
N PHE A 103 -14.11 38.14 -1.42
CA PHE A 103 -13.37 37.16 -2.25
C PHE A 103 -12.87 37.82 -3.54
N LYS A 104 -13.61 38.80 -4.09
CA LYS A 104 -13.25 39.53 -5.33
C LYS A 104 -12.16 40.58 -5.04
N ARG A 105 -12.13 41.14 -3.83
CA ARG A 105 -11.08 42.10 -3.37
C ARG A 105 -9.72 41.39 -3.35
N LEU A 106 -9.71 40.12 -2.93
CA LEU A 106 -8.49 39.26 -2.84
C LEU A 106 -7.71 39.32 -4.16
N PHE A 107 -8.42 39.35 -5.30
CA PHE A 107 -7.84 39.34 -6.67
C PHE A 107 -8.04 40.68 -7.39
N ALA A 108 -8.08 41.79 -6.63
CA ALA A 108 -8.32 43.14 -7.17
C ALA A 108 -7.14 43.55 -8.05
N LYS A 109 -5.92 43.28 -7.56
CA LYS A 109 -4.63 43.69 -8.20
C LYS A 109 -4.49 43.05 -9.59
N TYR A 110 -5.23 41.97 -9.89
CA TYR A 110 -5.09 41.15 -11.12
C TYR A 110 -6.22 41.46 -12.10
N GLY A 111 -6.84 42.64 -11.96
CA GLY A 111 -7.75 43.24 -12.95
C GLY A 111 -9.16 42.72 -12.82
N GLU A 112 -9.97 42.94 -13.87
CA GLU A 112 -11.42 42.60 -13.92
C GLU A 112 -11.60 41.11 -13.65
N PRO A 113 -12.32 40.73 -12.56
CA PRO A 113 -12.69 39.34 -12.33
C PRO A 113 -13.75 38.88 -13.34
N GLY A 114 -13.60 37.67 -13.87
CA GLY A 114 -14.60 36.97 -14.70
C GLY A 114 -15.49 36.06 -13.87
N GLU A 115 -15.92 34.93 -14.42
CA GLU A 115 -16.76 33.91 -13.71
C GLU A 115 -16.27 33.80 -12.27
N VAL A 116 -17.20 33.91 -11.32
CA VAL A 116 -16.93 33.64 -9.87
C VAL A 116 -18.01 32.71 -9.36
N PHE A 117 -17.61 31.69 -8.60
CA PHE A 117 -18.51 30.75 -7.86
C PHE A 117 -17.94 30.57 -6.45
N ILE A 118 -18.81 30.52 -5.45
CA ILE A 118 -18.46 30.25 -4.02
C ILE A 118 -19.33 29.08 -3.53
N ASN A 119 -18.82 28.34 -2.55
CA ASN A 119 -19.52 27.26 -1.80
C ASN A 119 -19.15 27.41 -0.32
N LYS A 120 -19.86 28.30 0.40
CA LYS A 120 -19.51 28.79 1.76
C LYS A 120 -19.44 27.64 2.78
N GLY A 121 -20.29 26.62 2.61
CA GLY A 121 -20.34 25.42 3.48
C GLY A 121 -19.00 24.70 3.48
N LYS A 122 -18.47 24.44 2.29
CA LYS A 122 -17.21 23.68 2.06
C LYS A 122 -15.99 24.62 1.96
N GLY A 123 -16.17 25.91 2.29
CA GLY A 123 -15.10 26.93 2.40
C GLY A 123 -14.13 26.92 1.23
N PHE A 124 -14.64 26.92 0.00
CA PHE A 124 -13.83 26.98 -1.25
C PHE A 124 -14.61 27.73 -2.34
N GLY A 125 -13.90 28.20 -3.36
CA GLY A 125 -14.46 29.02 -4.46
C GLY A 125 -13.65 28.88 -5.75
N PHE A 126 -14.16 29.47 -6.83
CA PHE A 126 -13.51 29.55 -8.15
C PHE A 126 -13.56 30.99 -8.67
N ILE A 127 -12.47 31.44 -9.30
CA ILE A 127 -12.38 32.75 -9.99
C ILE A 127 -11.71 32.51 -11.34
N LYS A 128 -12.11 33.26 -12.36
CA LYS A 128 -11.45 33.30 -13.67
C LYS A 128 -10.81 34.68 -13.84
N LEU A 129 -9.58 34.72 -14.36
CA LEU A 129 -8.84 35.99 -14.63
C LEU A 129 -8.67 36.10 -16.14
N GLU A 130 -8.17 37.24 -16.63
CA GLU A 130 -8.17 37.51 -18.09
C GLU A 130 -7.28 36.46 -18.78
N SER A 131 -6.05 36.27 -18.29
CA SER A 131 -4.98 35.49 -18.96
C SER A 131 -4.43 34.42 -18.03
N ARG A 132 -3.78 33.40 -18.61
CA ARG A 132 -3.13 32.27 -17.89
C ARG A 132 -2.01 32.81 -16.99
N ALA A 133 -1.30 33.84 -17.43
CA ALA A 133 -0.17 34.47 -16.72
C ALA A 133 -0.66 35.19 -15.44
N LEU A 134 -1.75 35.97 -15.55
CA LEU A 134 -2.40 36.66 -14.40
C LEU A 134 -2.76 35.62 -13.33
N ALA A 135 -3.34 34.49 -13.73
CA ALA A 135 -3.67 33.34 -12.85
C ALA A 135 -2.40 32.81 -12.18
N GLU A 136 -1.32 32.67 -12.97
CA GLU A 136 -0.03 32.10 -12.51
C GLU A 136 0.58 33.01 -11.43
N ILE A 137 0.57 34.34 -11.65
CA ILE A 137 1.08 35.31 -10.64
C ILE A 137 0.18 35.26 -9.41
N ALA A 138 -1.15 35.31 -9.63
CA ALA A 138 -2.17 35.31 -8.57
C ALA A 138 -2.02 34.08 -7.68
N LYS A 139 -1.95 32.89 -8.28
CA LYS A 139 -1.70 31.60 -7.58
C LYS A 139 -0.42 31.72 -6.75
N ALA A 140 0.66 32.18 -7.38
CA ALA A 140 2.00 32.34 -6.78
C ALA A 140 1.92 33.30 -5.58
N GLU A 141 1.24 34.44 -5.75
CA GLU A 141 1.25 35.54 -4.76
C GLU A 141 0.31 35.23 -3.58
N LEU A 142 -0.74 34.44 -3.79
CA LEU A 142 -1.85 34.28 -2.79
C LEU A 142 -1.84 32.88 -2.14
N ASP A 143 -1.13 31.89 -2.68
CA ASP A 143 -1.10 30.54 -2.07
C ASP A 143 -0.34 30.62 -0.74
N ASP A 144 -0.86 29.98 0.31
CA ASP A 144 -0.29 29.95 1.68
C ASP A 144 -0.19 31.38 2.24
N THR A 145 -1.19 32.22 1.94
CA THR A 145 -1.35 33.58 2.52
C THR A 145 -2.58 33.57 3.43
N PRO A 146 -2.54 34.23 4.61
CA PRO A 146 -3.64 34.16 5.58
C PRO A 146 -4.93 34.85 5.11
N MET A 147 -6.07 34.21 5.41
CA MET A 147 -7.45 34.76 5.24
C MET A 147 -8.17 34.66 6.59
N ARG A 148 -7.82 35.54 7.53
CA ARG A 148 -8.44 35.64 8.88
C ARG A 148 -8.43 34.27 9.56
N GLY A 149 -7.24 33.73 9.85
CA GLY A 149 -7.05 32.53 10.67
C GLY A 149 -6.77 31.28 9.86
N ARG A 150 -7.12 31.28 8.57
CA ARG A 150 -6.92 30.12 7.66
C ARG A 150 -5.85 30.49 6.62
N GLN A 151 -4.91 29.57 6.34
CA GLN A 151 -3.95 29.67 5.22
C GLN A 151 -4.64 29.18 3.94
N LEU A 152 -4.83 30.07 2.95
CA LEU A 152 -5.53 29.75 1.68
C LEU A 152 -4.78 28.64 0.95
N ARG A 153 -5.50 27.88 0.13
CA ARG A 153 -4.95 26.84 -0.78
C ARG A 153 -5.40 27.19 -2.21
N VAL A 154 -4.54 27.84 -2.98
CA VAL A 154 -4.82 28.28 -4.38
C VAL A 154 -4.14 27.30 -5.34
N ARG A 155 -4.93 26.56 -6.13
CA ARG A 155 -4.45 25.69 -7.24
C ARG A 155 -5.19 26.09 -8.52
N PHE A 156 -4.75 25.59 -9.67
CA PHE A 156 -5.53 25.64 -10.95
C PHE A 156 -6.64 24.58 -10.89
N ALA A 157 -7.87 25.00 -11.14
CA ALA A 157 -9.07 24.13 -11.19
C ALA A 157 -8.88 23.11 -12.32
N THR A 158 -9.29 21.86 -12.10
CA THR A 158 -9.13 20.74 -13.06
C THR A 158 -10.12 20.96 -14.21
N HIS A 159 -9.60 21.31 -15.40
CA HIS A 159 -10.35 21.42 -16.68
C HIS A 159 -11.40 20.31 -16.78
N ALA A 160 -12.70 20.67 -16.75
CA ALA A 160 -13.84 19.72 -16.72
C ALA A 160 -14.27 19.33 -18.14
N ALA A 161 -13.67 19.94 -19.17
CA ALA A 161 -14.00 19.72 -20.60
C ALA A 161 -12.74 19.39 -21.41
N ALA A 162 -11.85 18.56 -20.88
CA ALA A 162 -10.54 18.20 -21.48
C ALA A 162 -10.56 16.74 -21.96
N LEU A 163 -9.82 16.44 -23.03
CA LEU A 163 -9.81 15.13 -23.71
C LEU A 163 -8.38 14.68 -23.97
N SER A 164 -8.14 13.37 -23.82
CA SER A 164 -6.92 12.66 -24.30
C SER A 164 -7.16 12.25 -25.75
N VAL A 165 -6.15 12.41 -26.61
CA VAL A 165 -6.14 11.91 -28.02
C VAL A 165 -4.81 11.20 -28.27
N ARG A 166 -4.85 9.93 -28.65
CA ARG A 166 -3.64 9.11 -28.96
C ARG A 166 -3.79 8.50 -30.38
N ASN A 167 -2.73 7.84 -30.83
CA ASN A 167 -2.58 7.29 -32.21
C ASN A 167 -2.54 8.46 -33.20
N LEU A 168 -1.55 9.35 -33.01
CA LEU A 168 -1.26 10.49 -33.92
C LEU A 168 0.06 10.20 -34.65
N SER A 169 0.14 10.61 -35.92
CA SER A 169 1.40 10.64 -36.71
C SER A 169 2.40 11.57 -36.00
N PRO A 170 3.73 11.34 -36.14
CA PRO A 170 4.73 12.26 -35.61
C PRO A 170 4.78 13.63 -36.33
N TYR A 171 3.92 13.84 -37.33
CA TYR A 171 3.81 15.09 -38.13
C TYR A 171 2.59 15.91 -37.70
N VAL A 172 1.54 15.25 -37.18
CA VAL A 172 0.36 15.95 -36.58
C VAL A 172 1.09 17.00 -35.75
N SER A 173 0.72 18.27 -35.86
CA SER A 173 1.31 19.41 -35.12
C SER A 173 0.21 19.85 -34.16
N ASN A 174 0.55 20.67 -33.17
CA ASN A 174 -0.39 21.32 -32.22
C ASN A 174 -1.45 22.08 -33.03
N GLU A 175 -0.97 22.87 -34.01
CA GLU A 175 -1.78 23.74 -34.89
C GLU A 175 -2.77 22.87 -35.68
N LEU A 176 -2.30 21.77 -36.29
CA LEU A 176 -3.13 20.84 -37.07
C LEU A 176 -4.15 20.16 -36.15
N LEU A 177 -3.68 19.54 -35.06
CA LEU A 177 -4.57 18.89 -34.05
C LEU A 177 -5.70 19.88 -33.68
N GLU A 178 -5.38 21.16 -33.51
CA GLU A 178 -6.36 22.23 -33.18
C GLU A 178 -7.33 22.39 -34.35
N GLU A 179 -6.81 22.73 -35.55
CA GLU A 179 -7.60 22.88 -36.81
C GLU A 179 -8.59 21.72 -36.90
N ALA A 180 -8.09 20.49 -36.83
CA ALA A 180 -8.85 19.23 -36.92
C ALA A 180 -10.01 19.21 -35.91
N PHE A 181 -9.72 19.54 -34.65
CA PHE A 181 -10.70 19.41 -33.53
C PHE A 181 -11.54 20.69 -33.42
N SER A 182 -11.24 21.72 -34.21
CA SER A 182 -12.05 22.96 -34.33
C SER A 182 -13.45 22.62 -34.85
N GLN A 183 -13.55 21.54 -35.66
CA GLN A 183 -14.77 21.07 -36.34
C GLN A 183 -15.84 20.59 -35.35
N PHE A 184 -15.51 20.46 -34.06
CA PHE A 184 -16.43 19.95 -33.01
C PHE A 184 -16.92 21.09 -32.12
N GLY A 185 -16.20 22.21 -32.09
CA GLY A 185 -16.58 23.38 -31.27
C GLY A 185 -15.39 24.31 -31.02
N PRO A 186 -15.48 25.18 -29.99
CA PRO A 186 -14.43 26.18 -29.73
C PRO A 186 -13.27 25.57 -28.94
N ILE A 187 -12.07 25.57 -29.53
CA ILE A 187 -10.83 24.95 -28.96
C ILE A 187 -10.14 25.95 -28.03
N GLU A 188 -10.24 25.76 -26.72
CA GLU A 188 -9.46 26.49 -25.69
C GLU A 188 -7.96 26.25 -25.95
N ARG A 189 -7.55 24.98 -26.06
CA ARG A 189 -6.13 24.59 -26.27
C ARG A 189 -6.02 23.19 -26.85
N ALA A 190 -5.04 22.98 -27.73
CA ALA A 190 -4.65 21.67 -28.29
C ALA A 190 -3.12 21.58 -28.38
N VAL A 191 -2.53 20.62 -27.66
CA VAL A 191 -1.08 20.31 -27.66
C VAL A 191 -0.91 18.85 -28.04
N VAL A 192 0.10 18.54 -28.85
CA VAL A 192 0.70 17.17 -28.92
C VAL A 192 1.83 17.13 -27.90
N ILE A 193 1.82 16.12 -27.03
CA ILE A 193 2.85 15.91 -25.99
C ILE A 193 4.13 15.42 -26.66
N VAL A 194 5.26 16.10 -26.41
CA VAL A 194 6.61 15.76 -26.96
C VAL A 194 7.50 15.25 -25.83
N ASP A 195 8.50 14.42 -26.21
CA ASP A 195 9.52 13.82 -25.30
C ASP A 195 10.64 14.84 -25.09
N ASP A 196 11.74 14.41 -24.45
CA ASP A 196 12.87 15.28 -24.03
C ASP A 196 13.57 15.89 -25.25
N ARG A 197 13.50 15.24 -26.42
CA ARG A 197 14.20 15.65 -27.67
C ARG A 197 13.20 16.31 -28.65
N GLY A 198 11.98 16.62 -28.20
CA GLY A 198 10.99 17.39 -28.96
C GLY A 198 10.20 16.53 -29.95
N ARG A 199 10.52 15.24 -30.09
CA ARG A 199 9.80 14.29 -30.98
C ARG A 199 8.40 14.05 -30.40
N SER A 200 7.41 13.84 -31.27
CA SER A 200 6.01 13.59 -30.89
C SER A 200 5.90 12.20 -30.29
N THR A 201 5.01 12.04 -29.29
CA THR A 201 4.75 10.76 -28.57
C THR A 201 3.50 10.07 -29.14
N GLY A 202 2.74 10.76 -30.01
CA GLY A 202 1.47 10.25 -30.57
C GLY A 202 0.31 10.40 -29.61
N LYS A 203 0.56 10.96 -28.43
CA LYS A 203 -0.47 11.40 -27.45
C LYS A 203 -0.54 12.93 -27.48
N GLY A 204 -1.70 13.50 -27.16
CA GLY A 204 -1.92 14.95 -27.08
C GLY A 204 -3.17 15.27 -26.29
N ILE A 205 -3.31 16.53 -25.85
CA ILE A 205 -4.47 17.01 -25.05
C ILE A 205 -5.28 17.99 -25.90
N VAL A 206 -6.61 17.86 -25.85
CA VAL A 206 -7.57 18.82 -26.47
C VAL A 206 -8.47 19.34 -25.36
N GLU A 207 -8.54 20.66 -25.21
CA GLU A 207 -9.35 21.36 -24.18
C GLU A 207 -10.40 22.22 -24.93
N PHE A 208 -11.68 21.92 -24.72
CA PHE A 208 -12.84 22.57 -25.37
C PHE A 208 -13.44 23.60 -24.40
N ALA A 209 -13.97 24.71 -24.96
CA ALA A 209 -14.61 25.82 -24.21
C ALA A 209 -15.75 25.28 -23.34
N SER A 210 -16.56 24.37 -23.89
CA SER A 210 -17.79 23.82 -23.26
C SER A 210 -17.66 22.30 -23.12
N LYS A 211 -18.31 21.71 -22.11
CA LYS A 211 -18.44 20.24 -21.96
C LYS A 211 -19.06 19.66 -23.23
N PRO A 212 -20.21 20.21 -23.71
CA PRO A 212 -20.83 19.73 -24.95
C PRO A 212 -19.82 19.48 -26.08
N ALA A 213 -18.96 20.47 -26.36
CA ALA A 213 -17.99 20.48 -27.47
C ALA A 213 -17.07 19.25 -27.39
N ALA A 214 -16.75 18.82 -26.16
CA ALA A 214 -15.92 17.62 -25.86
C ALA A 214 -16.75 16.35 -26.07
N ARG A 215 -17.95 16.30 -25.45
CA ARG A 215 -18.90 15.15 -25.55
C ARG A 215 -19.19 14.87 -27.02
N LYS A 216 -19.46 15.92 -27.80
CA LYS A 216 -19.64 15.85 -29.28
C LYS A 216 -18.41 15.15 -29.88
N ALA A 217 -17.22 15.72 -29.67
CA ALA A 217 -15.92 15.25 -30.22
C ALA A 217 -15.65 13.80 -29.81
N PHE A 218 -16.09 13.40 -28.60
CA PHE A 218 -15.88 12.05 -28.02
C PHE A 218 -16.80 11.03 -28.70
N GLU A 219 -18.12 11.27 -28.63
CA GLU A 219 -19.19 10.39 -29.19
C GLU A 219 -18.98 10.19 -30.70
N ARG A 220 -18.55 11.24 -31.41
CA ARG A 220 -18.39 11.24 -32.89
C ARG A 220 -17.17 10.40 -33.29
N CYS A 221 -16.02 10.60 -32.64
CA CYS A 221 -14.73 9.93 -32.98
C CYS A 221 -14.69 8.50 -32.42
N SER A 222 -15.49 8.18 -31.40
CA SER A 222 -15.63 6.82 -30.82
C SER A 222 -16.45 5.94 -31.76
N GLU A 223 -17.49 6.50 -32.40
CA GLU A 223 -18.32 5.80 -33.43
C GLU A 223 -17.64 5.92 -34.80
N GLY A 224 -17.55 7.14 -35.33
CA GLY A 224 -16.92 7.44 -36.64
C GLY A 224 -15.44 7.08 -36.65
N VAL A 225 -14.73 7.44 -37.72
CA VAL A 225 -13.29 7.09 -37.94
C VAL A 225 -12.54 8.34 -38.44
N PHE A 226 -12.32 9.29 -37.53
CA PHE A 226 -11.66 10.59 -37.81
C PHE A 226 -10.18 10.36 -38.11
N LEU A 227 -9.74 10.75 -39.31
CA LEU A 227 -8.31 10.70 -39.73
C LEU A 227 -7.76 12.13 -39.69
N LEU A 228 -6.44 12.29 -39.72
CA LEU A 228 -5.76 13.61 -39.62
C LEU A 228 -4.62 13.72 -40.64
N THR A 229 -4.48 12.76 -41.55
CA THR A 229 -3.31 12.65 -42.46
C THR A 229 -3.70 11.87 -43.72
N THR A 230 -2.81 11.87 -44.72
CA THR A 230 -2.80 10.93 -45.87
C THR A 230 -3.00 9.50 -45.34
N THR A 231 -2.06 9.00 -44.54
CA THR A 231 -2.10 7.64 -43.93
C THR A 231 -3.37 7.52 -43.07
N PRO A 232 -4.20 6.49 -43.29
CA PRO A 232 -5.48 6.36 -42.60
C PRO A 232 -5.41 5.85 -41.15
N ARG A 233 -4.51 6.42 -40.33
CA ARG A 233 -4.47 6.19 -38.86
C ARG A 233 -5.65 6.91 -38.22
N PRO A 234 -6.62 6.21 -37.61
CA PRO A 234 -7.68 6.89 -36.86
C PRO A 234 -7.13 7.45 -35.54
N VAL A 235 -7.82 8.45 -34.99
CA VAL A 235 -7.46 9.08 -33.68
C VAL A 235 -8.33 8.43 -32.60
N ILE A 236 -7.75 8.15 -31.44
CA ILE A 236 -8.45 7.52 -30.28
C ILE A 236 -8.74 8.61 -29.26
N VAL A 237 -10.01 8.97 -29.13
CA VAL A 237 -10.50 10.06 -28.24
C VAL A 237 -11.09 9.41 -26.99
N GLU A 238 -10.42 9.60 -25.86
CA GLU A 238 -10.86 9.17 -24.51
C GLU A 238 -11.00 10.43 -23.65
N PRO A 239 -11.69 10.36 -22.49
CA PRO A 239 -11.65 11.46 -21.52
C PRO A 239 -10.23 11.53 -20.92
N LEU A 240 -9.81 12.70 -20.46
CA LEU A 240 -8.46 12.93 -19.88
C LEU A 240 -8.43 12.45 -18.43
N GLU A 241 -7.45 11.62 -18.10
CA GLU A 241 -7.14 11.15 -16.72
C GLU A 241 -6.26 12.21 -16.05
N GLN A 242 -6.84 13.02 -15.15
CA GLN A 242 -6.14 14.14 -14.48
C GLN A 242 -5.52 13.65 -13.16
N LEU A 243 -4.19 13.55 -13.15
CA LEU A 243 -3.38 13.04 -12.01
C LEU A 243 -2.73 14.24 -11.31
N ASP A 244 -2.76 14.25 -9.97
CA ASP A 244 -2.20 15.32 -9.11
C ASP A 244 -0.78 14.91 -8.73
N ASP A 245 0.23 15.63 -9.24
CA ASP A 245 1.67 15.41 -8.94
C ASP A 245 2.25 16.63 -8.20
N GLU A 246 1.39 17.45 -7.58
CA GLU A 246 1.78 18.66 -6.81
C GLU A 246 1.56 18.39 -5.32
N ASP A 247 0.31 18.20 -4.91
CA ASP A 247 -0.07 17.99 -3.49
C ASP A 247 0.12 16.51 -3.16
N GLY A 248 -0.15 15.64 -4.13
CA GLY A 248 0.10 14.19 -4.03
C GLY A 248 -0.77 13.55 -2.97
N LEU A 249 -0.14 12.89 -1.99
CA LEU A 249 -0.80 12.11 -0.90
C LEU A 249 -0.04 12.40 0.39
N PRO A 250 -0.39 13.47 1.13
CA PRO A 250 0.33 13.85 2.33
C PRO A 250 0.06 12.87 3.48
N GLU A 251 0.96 12.83 4.47
CA GLU A 251 0.93 11.83 5.57
C GLU A 251 -0.40 11.95 6.32
N LYS A 252 -0.81 13.18 6.65
CA LYS A 252 -2.03 13.48 7.43
C LYS A 252 -3.25 12.82 6.78
N LEU A 253 -3.28 12.72 5.45
CA LEU A 253 -4.37 12.04 4.71
C LEU A 253 -4.15 10.51 4.75
N ALA A 254 -2.90 10.05 4.66
CA ALA A 254 -2.55 8.61 4.61
C ALA A 254 -2.87 7.95 5.96
N GLN A 255 -2.70 8.69 7.06
CA GLN A 255 -2.93 8.25 8.47
C GLN A 255 -4.40 7.86 8.68
N LYS A 256 -5.33 8.44 7.91
CA LYS A 256 -6.80 8.16 7.99
C LYS A 256 -7.05 6.64 7.94
N ASN A 257 -6.25 5.89 7.16
CA ASN A 257 -6.34 4.41 7.08
C ASN A 257 -5.43 3.82 8.14
N PRO A 258 -5.93 3.01 9.09
CA PRO A 258 -5.11 2.46 10.17
C PRO A 258 -3.98 1.54 9.65
N MET A 259 -4.12 1.04 8.42
CA MET A 259 -3.14 0.13 7.78
C MET A 259 -1.82 0.88 7.51
N TYR A 260 -1.84 2.22 7.44
CA TYR A 260 -0.63 3.06 7.20
C TYR A 260 0.35 2.94 8.37
N GLN A 261 -0.07 3.29 9.59
CA GLN A 261 0.82 3.33 10.79
C GLN A 261 1.30 1.91 11.13
N LYS A 262 0.48 0.89 10.84
CA LYS A 262 0.85 -0.55 11.01
C LYS A 262 2.07 -0.84 10.11
N GLU A 263 1.93 -0.59 8.81
CA GLU A 263 2.95 -0.87 7.77
C GLU A 263 4.24 -0.10 8.06
N ARG A 264 4.14 1.09 8.66
CA ARG A 264 5.29 1.98 8.95
C ARG A 264 6.05 1.54 10.19
N GLU A 265 5.63 0.46 10.86
CA GLU A 265 6.30 -0.06 12.09
C GLU A 265 7.74 -0.45 11.74
N THR A 266 7.96 -1.15 10.63
CA THR A 266 9.30 -1.36 10.03
C THR A 266 9.72 -0.10 9.28
N PRO A 267 10.96 0.41 9.47
CA PRO A 267 11.44 1.58 8.74
C PRO A 267 12.00 1.22 7.36
N PRO A 268 12.10 2.19 6.42
CA PRO A 268 12.73 1.94 5.12
C PRO A 268 14.15 1.38 5.29
N ARG A 269 14.48 0.36 4.48
CA ARG A 269 15.73 -0.42 4.63
C ARG A 269 15.98 -1.20 3.34
N PHE A 270 17.21 -1.68 3.15
CA PHE A 270 17.55 -2.71 2.12
C PHE A 270 17.43 -4.08 2.79
N ALA A 271 16.67 -4.98 2.16
CA ALA A 271 16.54 -6.40 2.57
C ALA A 271 17.95 -7.00 2.65
N GLN A 272 18.42 -7.28 3.87
CA GLN A 272 19.73 -7.93 4.14
C GLN A 272 19.55 -9.43 3.84
N HIS A 273 20.59 -10.09 3.28
CA HIS A 273 20.57 -11.54 2.97
C HIS A 273 20.53 -12.34 4.28
N GLY A 274 19.82 -13.48 4.28
CA GLY A 274 19.64 -14.35 5.45
C GLY A 274 18.26 -14.17 6.09
N THR A 275 17.68 -12.97 5.96
CA THR A 275 16.30 -12.65 6.39
C THR A 275 15.31 -13.36 5.47
N PHE A 276 14.09 -13.62 5.96
CA PHE A 276 13.04 -14.34 5.23
C PHE A 276 12.35 -13.38 4.24
N GLU A 277 12.40 -12.08 4.52
CA GLU A 277 11.87 -11.00 3.64
C GLU A 277 12.74 -10.89 2.39
N TYR A 278 14.08 -11.02 2.53
CA TYR A 278 15.04 -10.94 1.39
C TYR A 278 14.59 -11.90 0.29
N GLU A 279 14.30 -13.15 0.66
CA GLU A 279 13.85 -14.18 -0.30
C GLU A 279 12.69 -13.59 -1.10
N TYR A 280 11.67 -13.06 -0.42
CA TYR A 280 10.37 -12.67 -1.03
C TYR A 280 10.52 -11.34 -1.77
N SER A 281 11.40 -10.44 -1.31
CA SER A 281 11.88 -9.28 -2.10
C SER A 281 12.20 -9.75 -3.52
N GLN A 282 13.10 -10.73 -3.66
CA GLN A 282 13.64 -11.23 -4.96
C GLN A 282 12.51 -11.90 -5.76
N ARG A 283 11.52 -12.48 -5.08
CA ARG A 283 10.35 -13.15 -5.73
C ARG A 283 9.38 -12.09 -6.25
N TRP A 284 9.37 -10.91 -5.63
CA TRP A 284 8.61 -9.73 -6.11
C TRP A 284 9.32 -9.12 -7.32
N LYS A 285 10.65 -8.99 -7.26
CA LYS A 285 11.48 -8.53 -8.41
C LYS A 285 11.22 -9.46 -9.60
N SER A 286 11.07 -10.77 -9.36
CA SER A 286 10.75 -11.78 -10.41
C SER A 286 9.40 -11.49 -11.04
N LEU A 287 8.40 -11.09 -10.24
CA LEU A 287 7.02 -10.81 -10.75
C LEU A 287 7.02 -9.49 -11.52
N ASP A 288 7.67 -8.46 -10.99
CA ASP A 288 7.81 -7.12 -11.64
C ASP A 288 8.44 -7.30 -13.02
N GLU A 289 9.51 -8.11 -13.13
CA GLU A 289 10.22 -8.43 -14.39
C GLU A 289 9.26 -9.17 -15.33
N MET A 290 8.52 -10.16 -14.83
CA MET A 290 7.53 -10.95 -15.62
C MET A 290 6.48 -9.99 -16.19
N GLU A 291 6.04 -9.00 -15.41
CA GLU A 291 5.06 -7.97 -15.85
C GLU A 291 5.67 -7.18 -17.02
N LYS A 292 6.89 -6.68 -16.86
CA LYS A 292 7.58 -5.84 -17.86
C LYS A 292 7.95 -6.67 -19.09
N GLN A 293 8.15 -7.98 -18.92
CA GLN A 293 8.44 -8.93 -20.03
C GLN A 293 7.16 -9.17 -20.84
N GLN A 294 6.04 -9.41 -20.17
CA GLN A 294 4.70 -9.69 -20.77
C GLN A 294 4.11 -8.45 -21.43
N ARG A 295 4.42 -7.24 -20.94
CA ARG A 295 3.88 -5.96 -21.47
C ARG A 295 4.64 -5.55 -22.73
N GLU A 296 5.95 -5.82 -22.78
CA GLU A 296 6.78 -5.64 -24.00
C GLU A 296 6.40 -6.72 -25.02
N GLN A 297 5.84 -7.85 -24.57
CA GLN A 297 5.28 -8.92 -25.46
C GLN A 297 4.04 -8.37 -26.18
N VAL A 298 3.23 -7.53 -25.53
CA VAL A 298 2.03 -6.87 -26.13
C VAL A 298 2.48 -5.82 -27.16
N GLU A 299 3.54 -5.06 -26.86
CA GLU A 299 4.11 -4.03 -27.79
C GLU A 299 4.55 -4.72 -29.09
N LYS A 300 5.20 -5.89 -28.99
CA LYS A 300 5.62 -6.72 -30.16
C LYS A 300 4.37 -7.16 -30.92
N ASN A 301 3.37 -7.71 -30.22
CA ASN A 301 2.07 -8.14 -30.78
C ASN A 301 1.55 -7.04 -31.71
N MET A 302 1.37 -5.83 -31.16
CA MET A 302 0.85 -4.65 -31.88
C MET A 302 1.71 -4.36 -33.11
N LYS A 303 3.04 -4.27 -32.93
CA LYS A 303 4.01 -3.82 -33.95
C LYS A 303 4.05 -4.79 -35.13
N ASP A 304 3.90 -6.09 -34.87
CA ASP A 304 3.96 -7.17 -35.90
C ASP A 304 2.58 -7.31 -36.58
N ALA A 305 1.50 -6.96 -35.88
CA ALA A 305 0.10 -7.06 -36.36
C ALA A 305 -0.25 -5.87 -37.26
N LYS A 306 0.40 -4.71 -37.07
CA LYS A 306 0.19 -3.48 -37.90
C LYS A 306 1.03 -3.60 -39.18
N ASP A 307 2.21 -4.23 -39.09
CA ASP A 307 3.09 -4.52 -40.26
C ASP A 307 2.47 -5.63 -41.12
N LYS A 308 1.54 -6.41 -40.56
CA LYS A 308 0.69 -7.38 -41.30
C LYS A 308 -0.47 -6.63 -41.97
N LEU A 309 -0.95 -5.54 -41.36
CA LEU A 309 -2.06 -4.70 -41.89
C LEU A 309 -1.53 -3.70 -42.93
N GLU A 310 -0.23 -3.34 -42.86
CA GLU A 310 0.42 -2.43 -43.85
C GLU A 310 0.52 -3.13 -45.21
N SER A 311 0.84 -4.42 -45.23
CA SER A 311 1.00 -5.23 -46.47
C SER A 311 -0.34 -5.79 -46.94
N GLU A 312 -1.32 -5.95 -46.04
CA GLU A 312 -2.65 -6.57 -46.33
C GLU A 312 -3.59 -5.53 -46.96
N MET A 313 -3.40 -4.24 -46.65
CA MET A 313 -4.24 -3.12 -47.16
C MET A 313 -3.55 -2.41 -48.33
N GLU A 314 -2.23 -2.59 -48.49
CA GLU A 314 -1.42 -2.01 -49.59
C GLU A 314 -1.45 -2.95 -50.81
N ASP A 315 -1.92 -4.18 -50.62
CA ASP A 315 -2.09 -5.20 -51.70
C ASP A 315 -3.57 -5.27 -52.11
N ALA A 316 -4.48 -4.73 -51.31
CA ALA A 316 -5.90 -4.47 -51.67
C ALA A 316 -6.02 -3.09 -52.33
N TYR A 317 -4.88 -2.41 -52.49
CA TYR A 317 -4.72 -1.04 -53.07
C TYR A 317 -4.15 -1.14 -54.49
N HIS A 318 -3.25 -2.10 -54.72
CA HIS A 318 -2.67 -2.46 -56.04
C HIS A 318 -3.62 -3.39 -56.81
N GLU A 319 -4.63 -3.95 -56.13
CA GLU A 319 -5.77 -4.69 -56.73
C GLU A 319 -6.84 -3.69 -57.18
N HIS A 320 -6.95 -2.56 -56.47
CA HIS A 320 -7.89 -1.43 -56.75
C HIS A 320 -7.28 -0.49 -57.79
N GLN A 321 -5.95 -0.43 -57.89
CA GLN A 321 -5.20 0.37 -58.91
C GLN A 321 -5.02 -0.44 -60.20
N ALA A 322 -5.30 -1.74 -60.16
CA ALA A 322 -5.35 -2.65 -61.34
C ALA A 322 -6.78 -2.66 -61.89
N ASN A 323 -7.78 -2.74 -61.01
CA ASN A 323 -9.23 -2.65 -61.34
C ASN A 323 -9.57 -1.27 -61.93
N LEU A 324 -8.76 -0.25 -61.63
CA LEU A 324 -8.86 1.11 -62.24
C LEU A 324 -8.29 1.06 -63.67
N LEU A 325 -7.09 0.49 -63.85
CA LEU A 325 -6.41 0.36 -65.16
C LEU A 325 -7.16 -0.63 -66.07
N ARG A 326 -7.86 -1.61 -65.47
CA ARG A 326 -8.66 -2.63 -66.19
C ARG A 326 -9.90 -1.96 -66.81
N GLN A 327 -10.67 -1.21 -66.02
CA GLN A 327 -11.92 -0.52 -66.47
C GLN A 327 -11.57 0.59 -67.46
N ASP A 328 -10.59 1.43 -67.12
CA ASP A 328 -10.17 2.62 -67.91
C ASP A 328 -9.75 2.19 -69.31
N LEU A 329 -9.02 1.07 -69.41
CA LEU A 329 -8.45 0.55 -70.68
C LEU A 329 -9.56 -0.10 -71.52
N MET A 330 -10.59 -0.67 -70.91
CA MET A 330 -11.75 -1.32 -71.59
C MET A 330 -12.69 -0.24 -72.15
N ARG A 331 -12.70 0.96 -71.55
CA ARG A 331 -13.46 2.15 -72.04
C ARG A 331 -12.75 2.75 -73.27
N ARG A 332 -11.42 2.85 -73.23
CA ARG A 332 -10.59 3.39 -74.35
C ARG A 332 -10.62 2.43 -75.55
N GLN A 333 -10.86 1.13 -75.31
CA GLN A 333 -10.98 0.09 -76.37
C GLN A 333 -12.38 0.17 -76.98
N GLU A 334 -13.41 0.32 -76.15
CA GLU A 334 -14.83 0.39 -76.61
C GLU A 334 -15.04 1.66 -77.46
N GLU A 335 -14.49 2.80 -77.04
CA GLU A 335 -14.60 4.08 -77.78
C GLU A 335 -13.76 4.02 -79.06
N LEU A 336 -12.59 3.36 -79.03
CA LEU A 336 -11.74 3.13 -80.22
C LEU A 336 -12.55 2.37 -81.28
N ARG A 337 -13.11 1.21 -80.89
CA ARG A 337 -13.97 0.36 -81.76
C ARG A 337 -15.05 1.23 -82.41
N ARG A 338 -15.71 2.06 -81.62
CA ARG A 338 -16.76 3.03 -82.08
C ARG A 338 -16.21 3.88 -83.22
N MET A 339 -15.16 4.67 -82.94
CA MET A 339 -14.58 5.68 -83.88
C MET A 339 -13.95 4.98 -85.08
N GLU A 340 -13.50 3.73 -84.92
CA GLU A 340 -12.96 2.90 -86.03
C GLU A 340 -14.13 2.46 -86.93
N GLU A 341 -15.31 2.22 -86.35
CA GLU A 341 -16.54 1.82 -87.08
C GLU A 341 -17.14 3.06 -87.78
N LEU A 342 -16.90 4.25 -87.23
CA LEU A 342 -17.29 5.54 -87.87
C LEU A 342 -16.36 5.79 -89.07
N HIS A 343 -15.06 5.57 -88.91
CA HIS A 343 -14.05 5.66 -90.01
C HIS A 343 -14.40 4.67 -91.12
N ASN A 344 -15.05 3.55 -90.76
CA ASN A 344 -15.52 2.52 -91.73
C ASN A 344 -16.78 3.02 -92.44
N GLN A 345 -17.79 3.47 -91.69
CA GLN A 345 -19.04 4.08 -92.23
C GLN A 345 -18.67 5.13 -93.29
N GLU A 346 -17.71 6.01 -92.98
CA GLU A 346 -17.26 7.11 -93.88
C GLU A 346 -16.64 6.53 -95.15
N MET A 347 -15.78 5.51 -95.03
CA MET A 347 -15.10 4.83 -96.16
C MET A 347 -16.13 4.22 -97.11
N GLN A 348 -17.22 3.66 -96.57
CA GLN A 348 -18.27 2.96 -97.37
C GLN A 348 -19.14 3.98 -98.11
N LYS A 349 -19.25 5.21 -97.61
CA LYS A 349 -19.99 6.31 -98.29
C LYS A 349 -19.13 6.88 -99.43
N ARG A 350 -17.81 6.97 -99.23
CA ARG A 350 -16.84 7.36 -100.29
C ARG A 350 -16.87 6.29 -101.39
N LYS A 351 -16.72 5.02 -101.02
CA LYS A 351 -16.75 3.86 -101.97
C LYS A 351 -18.13 3.79 -102.64
N GLU A 352 -19.19 4.17 -101.92
CA GLU A 352 -20.59 4.11 -102.40
C GLU A 352 -20.80 5.10 -103.56
N MET A 353 -20.40 6.37 -103.40
CA MET A 353 -20.63 7.42 -104.41
C MET A 353 -19.67 7.22 -105.60
N GLN A 354 -18.42 6.80 -105.34
CA GLN A 354 -17.39 6.56 -106.39
C GLN A 354 -17.79 5.38 -107.27
N LEU A 355 -18.59 4.45 -106.74
CA LEU A 355 -19.21 3.33 -107.51
C LEU A 355 -20.32 3.90 -108.40
N ARG A 356 -21.16 4.78 -107.85
CA ARG A 356 -22.36 5.35 -108.52
C ARG A 356 -21.94 6.30 -109.64
N GLN A 357 -20.80 6.98 -109.49
CA GLN A 357 -20.17 7.79 -110.58
C GLN A 357 -19.83 6.85 -111.73
N GLU A 358 -19.05 5.81 -111.45
CA GLU A 358 -18.57 4.79 -112.44
C GLU A 358 -19.77 4.04 -113.05
N GLU A 359 -20.88 3.92 -112.30
CA GLU A 359 -22.13 3.24 -112.74
C GLU A 359 -22.80 4.07 -113.83
N GLU A 360 -22.82 5.41 -113.68
CA GLU A 360 -23.37 6.37 -114.67
C GLU A 360 -22.43 6.45 -115.88
N ARG A 361 -21.14 6.70 -115.63
CA ARG A 361 -20.07 6.78 -116.67
C ARG A 361 -20.27 5.65 -117.70
N ARG A 362 -20.52 4.42 -117.23
CA ARG A 362 -20.68 3.20 -118.07
C ARG A 362 -22.12 3.07 -118.55
N ARG A 363 -23.09 3.64 -117.81
CA ARG A 363 -24.53 3.74 -118.21
C ARG A 363 -24.63 4.62 -119.46
N ARG A 364 -24.09 5.85 -119.40
CA ARG A 364 -24.11 6.85 -120.49
C ARG A 364 -23.40 6.29 -121.73
N GLU A 365 -22.27 5.60 -121.55
CA GLU A 365 -21.50 4.97 -122.66
C GLU A 365 -22.43 4.02 -123.45
N GLU A 366 -23.12 3.12 -122.75
CA GLU A 366 -24.06 2.12 -123.33
C GLU A 366 -25.16 2.82 -124.12
N GLU A 367 -25.86 3.79 -123.50
CA GLU A 367 -26.95 4.58 -124.13
C GLU A 367 -26.44 5.18 -125.45
N MET A 368 -25.30 5.87 -125.41
CA MET A 368 -24.74 6.65 -126.55
C MET A 368 -24.10 5.71 -127.59
N MET A 369 -23.63 4.53 -127.18
CA MET A 369 -23.10 3.48 -128.09
C MET A 369 -24.25 2.83 -128.84
N ILE A 370 -25.38 2.60 -128.15
CA ILE A 370 -26.59 1.89 -128.68
C ILE A 370 -27.48 2.88 -129.42
N ARG A 371 -27.52 4.15 -128.99
CA ARG A 371 -28.26 5.24 -129.68
C ARG A 371 -27.61 5.51 -131.04
N GLN A 372 -26.30 5.28 -131.16
CA GLN A 372 -25.53 5.42 -132.44
C GLN A 372 -25.90 4.28 -133.38
N ARG A 373 -26.02 3.05 -132.86
CA ARG A 373 -26.55 1.88 -133.64
C ARG A 373 -27.93 2.22 -134.21
N GLU A 374 -28.77 2.92 -133.43
CA GLU A 374 -30.20 3.16 -133.75
C GLU A 374 -30.36 4.25 -134.83
N MET A 375 -29.35 5.12 -135.02
CA MET A 375 -29.37 6.18 -136.05
C MET A 375 -28.72 5.68 -137.35
N GLU A 376 -27.89 4.64 -137.28
CA GLU A 376 -27.21 4.03 -138.46
C GLU A 376 -28.18 3.11 -139.22
N GLU A 377 -28.95 2.29 -138.48
CA GLU A 377 -29.96 1.35 -139.04
C GLU A 377 -31.27 2.09 -139.36
N GLN A 378 -31.26 3.42 -139.26
CA GLN A 378 -32.40 4.32 -139.60
C GLN A 378 -32.21 4.90 -141.01
N MET A 379 -31.02 4.71 -141.61
CA MET A 379 -30.62 5.27 -142.93
C MET A 379 -30.54 4.16 -143.97
N LYS B 17 12.13 24.13 1.74
CA LYS B 17 13.54 24.26 1.27
C LYS B 17 13.66 25.48 0.36
N THR B 18 14.85 26.09 0.30
CA THR B 18 15.16 27.25 -0.59
C THR B 18 16.33 26.91 -1.51
N PHE B 19 16.42 27.59 -2.65
CA PHE B 19 17.49 27.46 -3.68
C PHE B 19 17.50 26.04 -4.25
N THR B 20 16.33 25.39 -4.27
CA THR B 20 16.10 24.09 -4.95
C THR B 20 16.14 24.29 -6.47
N GLN B 21 16.41 23.22 -7.22
CA GLN B 21 16.32 23.19 -8.71
C GLN B 21 14.95 23.69 -9.17
N ARG B 22 13.91 23.58 -8.32
CA ARG B 22 12.52 23.96 -8.72
C ARG B 22 12.37 25.48 -8.73
N SER B 23 13.34 26.24 -8.22
CA SER B 23 13.40 27.72 -8.38
C SER B 23 14.54 28.11 -9.33
N ARG B 24 14.94 27.19 -10.22
CA ARG B 24 16.03 27.37 -11.21
C ARG B 24 15.41 27.66 -12.57
N LEU B 25 15.78 28.80 -13.17
CA LEU B 25 15.23 29.27 -14.47
C LEU B 25 16.31 29.23 -15.54
N PHE B 26 15.99 28.62 -16.69
CA PHE B 26 16.72 28.75 -17.97
C PHE B 26 16.28 30.08 -18.61
N VAL B 27 17.25 30.91 -19.02
CA VAL B 27 16.98 32.18 -19.75
C VAL B 27 17.66 32.09 -21.12
N GLY B 28 16.89 32.32 -22.20
CA GLY B 28 17.34 32.25 -23.60
C GLY B 28 17.06 33.53 -24.36
N ASN B 29 17.78 33.74 -25.47
CA ASN B 29 17.73 34.96 -26.33
C ASN B 29 18.36 36.15 -25.59
N LEU B 30 19.33 35.90 -24.72
CA LEU B 30 20.10 36.98 -24.06
C LEU B 30 21.00 37.60 -25.12
N PRO B 31 21.35 38.90 -25.00
CA PRO B 31 22.31 39.52 -25.92
C PRO B 31 23.72 38.99 -25.68
N PRO B 32 24.64 39.10 -26.68
CA PRO B 32 26.02 38.64 -26.50
C PRO B 32 26.87 39.44 -25.48
N ASP B 33 26.48 40.67 -25.15
CA ASP B 33 27.20 41.56 -24.21
C ASP B 33 26.64 41.39 -22.79
N ILE B 34 25.95 40.28 -22.53
CA ILE B 34 25.37 39.94 -21.19
C ILE B 34 26.52 39.68 -20.20
N THR B 35 26.41 40.21 -18.99
CA THR B 35 27.34 39.99 -17.85
C THR B 35 26.60 39.30 -16.71
N GLU B 36 27.32 38.50 -15.92
CA GLU B 36 26.83 37.87 -14.66
C GLU B 36 26.13 38.94 -13.80
N GLU B 37 26.51 40.20 -13.92
CA GLU B 37 26.00 41.34 -13.10
C GLU B 37 24.68 41.87 -13.66
N GLU B 38 24.52 41.95 -14.99
CA GLU B 38 23.30 42.51 -15.63
C GLU B 38 22.14 41.51 -15.49
N MET B 39 22.44 40.21 -15.58
CA MET B 39 21.44 39.13 -15.35
C MET B 39 20.99 39.15 -13.88
N ARG B 40 21.89 39.54 -12.96
CA ARG B 40 21.55 39.73 -11.52
C ARG B 40 20.66 40.97 -11.37
N LYS B 41 20.96 42.04 -12.11
CA LYS B 41 20.15 43.30 -12.14
C LYS B 41 18.75 42.99 -12.66
N LEU B 42 18.67 42.28 -13.79
CA LEU B 42 17.41 41.87 -14.47
C LEU B 42 16.49 41.14 -13.49
N PHE B 43 17.06 40.35 -12.57
CA PHE B 43 16.34 39.52 -11.57
C PHE B 43 16.44 40.14 -10.16
N GLU B 44 16.94 41.38 -10.06
CA GLU B 44 17.14 42.14 -8.79
C GLU B 44 15.82 42.23 -8.01
N LYS B 45 14.71 42.38 -8.72
CA LYS B 45 13.33 42.54 -8.16
C LYS B 45 12.93 41.31 -7.34
N TYR B 46 13.51 40.13 -7.61
CA TYR B 46 13.05 38.82 -7.10
C TYR B 46 13.99 38.33 -5.98
N GLY B 47 14.58 39.26 -5.25
CA GLY B 47 15.32 39.02 -3.99
C GLY B 47 16.71 38.45 -4.24
N LYS B 48 17.19 37.66 -3.28
CA LYS B 48 18.49 36.92 -3.31
C LYS B 48 18.56 36.06 -4.58
N ALA B 49 19.71 36.12 -5.28
CA ALA B 49 20.05 35.23 -6.41
C ALA B 49 21.16 34.26 -5.98
N GLY B 50 20.97 32.96 -6.23
CA GLY B 50 21.96 31.91 -5.95
C GLY B 50 22.97 31.79 -7.08
N GLU B 51 23.19 30.57 -7.58
CA GLU B 51 24.12 30.28 -8.70
C GLU B 51 23.60 30.99 -9.95
N VAL B 52 24.52 31.55 -10.74
CA VAL B 52 24.28 32.11 -12.11
C VAL B 52 25.24 31.41 -13.07
N PHE B 53 24.70 30.87 -14.16
CA PHE B 53 25.48 30.39 -15.32
C PHE B 53 25.10 31.23 -16.52
N ILE B 54 26.07 31.56 -17.37
CA ILE B 54 25.89 32.38 -18.61
C ILE B 54 26.84 31.85 -19.67
N HIS B 55 26.36 31.67 -20.90
CA HIS B 55 27.19 31.54 -22.13
C HIS B 55 26.81 32.69 -23.06
N LYS B 56 27.69 33.70 -23.15
CA LYS B 56 27.42 35.00 -23.82
C LYS B 56 27.26 34.75 -25.32
N ASP B 57 28.17 33.95 -25.91
CA ASP B 57 28.20 33.60 -27.35
C ASP B 57 26.88 32.94 -27.77
N LYS B 58 26.30 32.11 -26.91
CA LYS B 58 25.09 31.30 -27.20
C LYS B 58 23.83 31.99 -26.67
N GLY B 59 23.98 32.96 -25.76
CA GLY B 59 22.88 33.81 -25.25
C GLY B 59 21.85 33.03 -24.44
N PHE B 60 22.31 32.02 -23.68
CA PHE B 60 21.46 31.27 -22.71
C PHE B 60 22.21 31.12 -21.39
N GLY B 61 21.47 30.79 -20.33
CA GLY B 61 22.00 30.69 -18.97
C GLY B 61 21.01 30.08 -18.00
N PHE B 62 21.45 29.95 -16.74
CA PHE B 62 20.66 29.46 -15.59
C PHE B 62 20.78 30.49 -14.46
N ILE B 63 19.64 30.82 -13.83
CA ILE B 63 19.56 31.69 -12.62
C ILE B 63 18.74 30.93 -11.57
N ARG B 64 19.24 30.80 -10.35
CA ARG B 64 18.55 30.04 -9.26
C ARG B 64 18.05 31.02 -8.21
N LEU B 65 16.72 31.16 -8.09
CA LEU B 65 16.08 32.13 -7.18
C LEU B 65 15.76 31.43 -5.85
N GLU B 66 15.56 32.24 -4.81
CA GLU B 66 15.31 31.83 -3.40
C GLU B 66 14.25 30.72 -3.36
N THR B 67 13.02 31.03 -3.81
CA THR B 67 11.82 30.16 -3.67
C THR B 67 11.16 29.98 -5.03
N ARG B 68 10.44 28.87 -5.20
CA ARG B 68 9.58 28.53 -6.36
C ARG B 68 8.63 29.68 -6.66
N THR B 69 8.09 30.31 -5.62
CA THR B 69 7.12 31.44 -5.69
C THR B 69 7.73 32.58 -6.50
N LEU B 70 8.97 32.97 -6.19
CA LEU B 70 9.69 34.08 -6.86
C LEU B 70 10.08 33.68 -8.30
N ALA B 71 10.42 32.40 -8.53
CA ALA B 71 10.75 31.86 -9.87
C ALA B 71 9.49 31.82 -10.74
N GLU B 72 8.34 31.43 -10.17
CA GLU B 72 7.01 31.41 -10.86
C GLU B 72 6.65 32.84 -11.31
N ILE B 73 6.85 33.83 -10.45
CA ILE B 73 6.57 35.27 -10.71
C ILE B 73 7.60 35.78 -11.74
N ALA B 74 8.89 35.63 -11.46
CA ALA B 74 10.00 36.05 -12.35
C ALA B 74 9.77 35.48 -13.76
N LYS B 75 9.38 34.22 -13.87
CA LYS B 75 9.17 33.55 -15.18
C LYS B 75 8.13 34.35 -15.97
N VAL B 76 6.99 34.62 -15.34
CA VAL B 76 5.81 35.24 -16.02
C VAL B 76 6.14 36.70 -16.35
N GLU B 77 6.76 37.43 -15.42
CA GLU B 77 7.06 38.88 -15.57
C GLU B 77 8.14 39.11 -16.63
N LEU B 78 9.01 38.13 -16.90
CA LEU B 78 10.24 38.32 -17.73
C LEU B 78 10.20 37.49 -19.02
N ASP B 79 9.29 36.52 -19.15
CA ASP B 79 9.14 35.74 -20.42
C ASP B 79 8.54 36.68 -21.47
N ASN B 80 9.24 36.86 -22.59
CA ASN B 80 8.84 37.67 -23.77
C ASN B 80 9.17 39.15 -23.54
N MET B 81 9.85 39.48 -22.44
CA MET B 81 10.38 40.85 -22.21
C MET B 81 11.37 41.15 -23.34
N PRO B 82 11.29 42.33 -24.01
CA PRO B 82 12.29 42.71 -25.00
C PRO B 82 13.64 43.06 -24.33
N LEU B 83 14.75 42.72 -24.99
CA LEU B 83 16.12 43.07 -24.55
C LEU B 83 17.07 43.06 -25.75
N ARG B 84 17.61 44.23 -26.09
CA ARG B 84 18.57 44.48 -27.19
C ARG B 84 18.34 43.53 -28.37
N GLY B 85 17.12 43.54 -28.91
CA GLY B 85 16.82 42.99 -30.25
C GLY B 85 15.87 41.80 -30.21
N LYS B 86 16.08 40.88 -29.27
CA LYS B 86 15.29 39.62 -29.16
C LYS B 86 14.36 39.69 -27.94
N GLN B 87 13.33 38.85 -27.91
CA GLN B 87 12.42 38.67 -26.75
C GLN B 87 12.89 37.47 -25.94
N LEU B 88 13.13 37.68 -24.64
CA LEU B 88 13.72 36.66 -23.72
C LEU B 88 12.82 35.43 -23.72
N ARG B 89 13.43 34.24 -23.65
CA ARG B 89 12.72 32.96 -23.39
C ARG B 89 13.12 32.48 -21.99
N VAL B 90 12.23 32.69 -21.01
CA VAL B 90 12.41 32.25 -19.59
C VAL B 90 11.53 31.02 -19.36
N ARG B 91 12.14 29.91 -18.97
CA ARG B 91 11.48 28.62 -18.66
C ARG B 91 12.02 28.12 -17.32
N PHE B 92 11.27 27.22 -16.67
CA PHE B 92 11.74 26.43 -15.52
C PHE B 92 12.71 25.37 -16.05
N ALA B 93 13.90 25.27 -15.47
CA ALA B 93 14.95 24.31 -15.91
C ALA B 93 14.41 22.89 -15.71
N CYS B 94 14.65 21.99 -16.67
CA CYS B 94 14.44 20.54 -16.50
C CYS B 94 15.27 20.07 -15.31
N HIS B 95 14.65 19.31 -14.40
CA HIS B 95 15.31 18.76 -13.20
C HIS B 95 16.38 17.76 -13.65
N SER B 96 17.59 17.86 -13.12
CA SER B 96 18.76 17.05 -13.52
C SER B 96 18.90 15.78 -12.64
N ALA B 97 18.14 15.70 -11.55
CA ALA B 97 18.26 14.61 -10.53
C ALA B 97 16.87 14.22 -10.04
N SER B 98 15.97 13.91 -10.97
CA SER B 98 14.57 13.48 -10.72
C SER B 98 14.43 12.01 -11.09
N LEU B 99 13.81 11.21 -10.22
CA LEU B 99 13.51 9.78 -10.47
C LEU B 99 11.99 9.56 -10.42
N THR B 100 11.51 8.61 -11.22
CA THR B 100 10.18 7.96 -11.10
C THR B 100 10.34 6.71 -10.25
N VAL B 101 9.50 6.52 -9.23
CA VAL B 101 9.43 5.27 -8.43
C VAL B 101 8.12 4.56 -8.77
N ARG B 102 8.20 3.27 -9.12
CA ARG B 102 7.02 2.40 -9.43
C ARG B 102 6.96 1.30 -8.36
N ASN B 103 5.89 0.51 -8.39
CA ASN B 103 5.66 -0.62 -7.45
C ASN B 103 5.74 -0.08 -6.02
N LEU B 104 5.14 1.09 -5.79
CA LEU B 104 4.96 1.68 -4.45
C LEU B 104 4.01 0.79 -3.65
N PRO B 105 4.15 0.75 -2.30
CA PRO B 105 3.21 0.00 -1.46
C PRO B 105 1.76 0.52 -1.56
N GLN B 106 0.81 -0.28 -1.08
CA GLN B 106 -0.63 0.06 -1.05
C GLN B 106 -0.85 1.30 -0.17
N TYR B 107 -0.10 1.38 0.94
CA TYR B 107 -0.17 2.47 1.96
C TYR B 107 1.18 3.19 1.97
N VAL B 108 1.14 4.47 1.58
CA VAL B 108 2.34 5.27 1.22
C VAL B 108 1.98 6.75 1.33
N SER B 109 2.97 7.60 1.61
CA SER B 109 2.83 9.06 1.77
C SER B 109 4.02 9.78 1.10
N ASN B 110 3.83 11.06 0.76
CA ASN B 110 4.89 12.00 0.30
C ASN B 110 6.05 11.94 1.29
N GLU B 111 5.72 11.98 2.59
CA GLU B 111 6.67 12.04 3.73
C GLU B 111 7.49 10.73 3.81
N LEU B 112 6.83 9.59 3.67
CA LEU B 112 7.52 8.26 3.68
C LEU B 112 8.57 8.22 2.58
N LEU B 113 8.20 8.69 1.38
CA LEU B 113 9.07 8.68 0.17
C LEU B 113 10.31 9.57 0.41
N GLU B 114 10.09 10.78 0.91
CA GLU B 114 11.18 11.73 1.25
C GLU B 114 12.13 11.08 2.26
N GLU B 115 11.59 10.50 3.34
CA GLU B 115 12.39 9.88 4.42
C GLU B 115 13.18 8.70 3.85
N ALA B 116 12.49 7.81 3.13
CA ALA B 116 13.07 6.59 2.52
C ALA B 116 14.29 6.95 1.67
N PHE B 117 14.13 7.91 0.75
CA PHE B 117 15.14 8.25 -0.30
C PHE B 117 16.15 9.29 0.18
N SER B 118 16.02 9.81 1.40
CA SER B 118 17.01 10.74 2.01
C SER B 118 18.29 9.97 2.40
N VAL B 119 18.24 8.64 2.33
CA VAL B 119 19.37 7.70 2.65
C VAL B 119 20.47 7.87 1.59
N PHE B 120 20.10 8.25 0.36
CA PHE B 120 21.01 8.34 -0.80
C PHE B 120 21.58 9.76 -0.92
N GLY B 121 21.06 10.70 -0.12
CA GLY B 121 21.46 12.12 -0.14
C GLY B 121 20.27 13.05 0.00
N GLN B 122 20.52 14.37 -0.04
CA GLN B 122 19.49 15.44 0.03
C GLN B 122 18.39 15.15 -0.99
N VAL B 123 17.14 15.02 -0.52
CA VAL B 123 15.91 14.98 -1.36
C VAL B 123 15.27 16.36 -1.28
N GLU B 124 15.22 17.09 -2.40
CA GLU B 124 14.55 18.40 -2.49
C GLU B 124 13.05 18.22 -2.22
N ARG B 125 12.45 17.16 -2.78
CA ARG B 125 10.98 16.99 -2.83
C ARG B 125 10.64 15.57 -3.26
N ALA B 126 9.60 15.00 -2.67
CA ALA B 126 9.03 13.68 -3.02
C ALA B 126 7.50 13.78 -3.05
N VAL B 127 6.87 13.07 -3.98
CA VAL B 127 5.41 13.14 -4.24
C VAL B 127 4.90 11.75 -4.58
N VAL B 128 3.78 11.36 -3.96
CA VAL B 128 2.95 10.20 -4.38
C VAL B 128 1.88 10.73 -5.34
N ILE B 129 1.97 10.40 -6.62
CA ILE B 129 0.98 10.86 -7.65
C ILE B 129 -0.37 10.18 -7.37
N VAL B 130 -1.46 10.97 -7.31
CA VAL B 130 -2.83 10.49 -6.99
C VAL B 130 -3.77 10.82 -8.16
N ASP B 131 -4.80 9.98 -8.35
CA ASP B 131 -5.92 10.27 -9.28
C ASP B 131 -6.82 11.33 -8.64
N ASP B 132 -7.85 11.78 -9.35
CA ASP B 132 -8.80 12.84 -8.91
C ASP B 132 -9.67 12.34 -7.75
N ARG B 133 -9.80 11.02 -7.59
CA ARG B 133 -10.55 10.37 -6.48
C ARG B 133 -9.65 10.27 -5.24
N GLY B 134 -8.40 10.75 -5.31
CA GLY B 134 -7.47 10.88 -4.17
C GLY B 134 -6.64 9.63 -3.91
N ARG B 135 -6.84 8.56 -4.69
CA ARG B 135 -6.13 7.25 -4.55
C ARG B 135 -4.82 7.31 -5.35
N PRO B 136 -3.72 6.69 -4.85
CA PRO B 136 -2.44 6.72 -5.57
C PRO B 136 -2.46 5.92 -6.88
N SER B 137 -1.79 6.44 -7.92
CA SER B 137 -1.67 5.82 -9.26
C SER B 137 -0.72 4.62 -9.22
N GLY B 138 0.14 4.53 -8.20
CA GLY B 138 1.20 3.52 -8.09
C GLY B 138 2.56 4.07 -8.47
N LYS B 139 2.59 5.24 -9.13
CA LYS B 139 3.81 6.02 -9.44
C LYS B 139 4.04 7.09 -8.37
N GLY B 140 5.29 7.51 -8.22
CA GLY B 140 5.72 8.63 -7.35
C GLY B 140 6.91 9.35 -7.98
N ILE B 141 7.27 10.52 -7.44
CA ILE B 141 8.38 11.36 -7.96
C ILE B 141 9.34 11.66 -6.80
N VAL B 142 10.62 11.37 -6.97
CA VAL B 142 11.70 11.71 -6.00
C VAL B 142 12.68 12.65 -6.70
N GLU B 143 12.87 13.85 -6.17
CA GLU B 143 13.75 14.91 -6.73
C GLU B 143 14.85 15.21 -5.72
N PHE B 144 16.09 14.86 -6.07
CA PHE B 144 17.33 15.12 -5.29
C PHE B 144 17.93 16.46 -5.71
N SER B 145 18.66 17.09 -4.79
CA SER B 145 19.35 18.40 -5.00
C SER B 145 20.53 18.22 -5.98
N GLY B 146 21.08 17.00 -6.06
CA GLY B 146 22.27 16.69 -6.88
C GLY B 146 22.14 15.39 -7.65
N LYS B 147 22.86 15.29 -8.77
CA LYS B 147 22.83 14.13 -9.72
C LYS B 147 23.48 12.90 -9.11
N PRO B 148 24.59 13.03 -8.34
CA PRO B 148 25.23 11.86 -7.72
C PRO B 148 24.26 11.04 -6.86
N ALA B 149 23.55 11.72 -5.96
CA ALA B 149 22.52 11.15 -5.05
C ALA B 149 21.49 10.33 -5.86
N ALA B 150 20.99 10.89 -6.96
CA ALA B 150 20.03 10.21 -7.87
C ALA B 150 20.67 8.95 -8.47
N ARG B 151 21.99 9.03 -8.77
CA ARG B 151 22.78 7.93 -9.40
C ARG B 151 22.90 6.76 -8.41
N LYS B 152 23.34 7.05 -7.19
CA LYS B 152 23.43 6.07 -6.07
C LYS B 152 22.08 5.37 -5.93
N ALA B 153 21.02 6.16 -5.69
CA ALA B 153 19.64 5.69 -5.46
C ALA B 153 19.25 4.75 -6.59
N LEU B 154 19.40 5.21 -7.83
CA LEU B 154 19.03 4.45 -9.05
C LEU B 154 19.80 3.12 -9.07
N ASP B 155 21.12 3.18 -8.83
CA ASP B 155 22.03 2.00 -8.93
C ASP B 155 21.70 1.02 -7.80
N ARG B 156 21.74 1.48 -6.54
CA ARG B 156 21.56 0.61 -5.33
C ARG B 156 20.17 -0.03 -5.32
N CYS B 157 19.15 0.65 -5.82
CA CYS B 157 17.74 0.14 -5.85
C CYS B 157 17.55 -0.84 -7.02
N SER B 158 18.51 -0.93 -7.95
CA SER B 158 18.52 -1.92 -9.07
C SER B 158 19.09 -3.25 -8.59
N GLU B 159 20.26 -3.20 -7.95
CA GLU B 159 20.99 -4.39 -7.41
C GLU B 159 20.32 -4.83 -6.10
N GLY B 160 20.14 -3.91 -5.14
CA GLY B 160 19.46 -4.16 -3.86
C GLY B 160 17.95 -4.30 -4.03
N SER B 161 17.25 -4.60 -2.94
CA SER B 161 15.76 -4.59 -2.85
C SER B 161 15.36 -3.59 -1.76
N PHE B 162 14.88 -2.42 -2.17
CA PHE B 162 14.57 -1.27 -1.28
C PHE B 162 13.10 -1.33 -0.85
N LEU B 163 12.89 -1.28 0.46
CA LEU B 163 11.58 -1.56 1.12
C LEU B 163 11.26 -0.40 2.07
N LEU B 164 10.14 0.28 1.82
CA LEU B 164 9.74 1.52 2.52
C LEU B 164 8.96 1.18 3.80
N THR B 165 8.17 0.10 3.76
CA THR B 165 7.30 -0.35 4.87
C THR B 165 7.60 -1.81 5.19
N THR B 166 6.80 -2.43 6.06
CA THR B 166 6.94 -3.83 6.50
C THR B 166 6.83 -4.76 5.29
N PHE B 167 5.80 -4.59 4.46
CA PHE B 167 5.52 -5.52 3.33
C PHE B 167 6.78 -5.61 2.47
N PRO B 168 7.32 -6.82 2.27
CA PRO B 168 8.63 -7.00 1.63
C PRO B 168 8.58 -7.10 0.09
N ARG B 169 7.89 -6.19 -0.59
CA ARG B 169 7.98 -6.06 -2.07
C ARG B 169 8.68 -4.75 -2.38
N PRO B 170 9.77 -4.79 -3.17
CA PRO B 170 10.63 -3.63 -3.34
C PRO B 170 10.11 -2.65 -4.40
N VAL B 171 10.49 -1.39 -4.19
CA VAL B 171 10.24 -0.22 -5.07
C VAL B 171 11.09 -0.37 -6.35
N THR B 172 10.62 0.14 -7.48
CA THR B 172 11.37 0.19 -8.77
C THR B 172 11.63 1.65 -9.15
N VAL B 173 12.89 2.06 -9.13
CA VAL B 173 13.36 3.44 -9.41
C VAL B 173 13.81 3.50 -10.88
N GLU B 174 13.22 4.39 -11.67
CA GLU B 174 13.59 4.67 -13.10
C GLU B 174 14.00 6.12 -13.22
N PRO B 175 14.79 6.51 -14.25
CA PRO B 175 15.01 7.93 -14.54
C PRO B 175 13.66 8.55 -14.92
N MET B 176 13.48 9.83 -14.60
CA MET B 176 12.24 10.57 -14.89
C MET B 176 12.09 10.67 -16.42
N ASP B 177 10.95 10.23 -16.94
CA ASP B 177 10.53 10.41 -18.36
C ASP B 177 9.97 11.84 -18.49
N GLN B 178 10.84 12.82 -18.78
CA GLN B 178 10.48 14.27 -18.82
C GLN B 178 9.77 14.59 -20.15
N LEU B 179 8.47 14.87 -20.08
CA LEU B 179 7.59 15.20 -21.23
C LEU B 179 7.15 16.65 -21.15
N ASP B 180 6.73 17.23 -22.28
CA ASP B 180 6.29 18.64 -22.39
C ASP B 180 4.85 18.68 -22.94
N ASP B 181 3.91 19.17 -22.14
CA ASP B 181 2.50 19.41 -22.55
C ASP B 181 2.20 20.91 -22.50
N GLU B 182 3.26 21.74 -22.47
CA GLU B 182 3.17 23.22 -22.50
C GLU B 182 3.29 23.65 -23.97
N GLU B 183 4.49 23.57 -24.55
CA GLU B 183 4.80 24.05 -25.92
C GLU B 183 4.34 23.01 -26.96
N GLY B 184 4.57 21.73 -26.70
CA GLY B 184 4.23 20.63 -27.63
C GLY B 184 5.09 20.67 -28.87
N LEU B 185 4.52 20.28 -30.03
CA LEU B 185 5.20 20.28 -31.35
C LEU B 185 4.55 21.35 -32.24
N PRO B 186 5.12 22.57 -32.30
CA PRO B 186 4.62 23.62 -33.19
C PRO B 186 5.07 23.41 -34.65
N GLU B 187 4.28 23.93 -35.60
CA GLU B 187 4.46 23.75 -37.06
C GLU B 187 5.88 24.12 -37.47
N LYS B 188 6.43 25.20 -36.90
CA LYS B 188 7.76 25.78 -37.24
C LYS B 188 8.88 24.77 -36.94
N LEU B 189 8.72 23.90 -35.94
CA LEU B 189 9.76 22.91 -35.51
C LEU B 189 9.56 21.57 -36.20
N VAL B 190 8.35 21.27 -36.70
CA VAL B 190 8.09 20.04 -37.52
C VAL B 190 9.07 20.07 -38.71
N ILE B 191 9.68 18.92 -39.03
CA ILE B 191 10.68 18.81 -40.12
C ILE B 191 9.91 18.77 -41.45
N LYS B 192 10.36 19.54 -42.46
CA LYS B 192 9.74 19.62 -43.81
C LYS B 192 10.54 18.75 -44.79
N ASN B 193 10.28 17.44 -44.78
CA ASN B 193 10.90 16.42 -45.66
C ASN B 193 9.87 15.98 -46.70
N GLN B 194 10.13 14.89 -47.45
CA GLN B 194 9.22 14.32 -48.47
C GLN B 194 8.00 13.67 -47.79
N GLN B 195 8.24 12.88 -46.73
CA GLN B 195 7.20 12.13 -45.97
C GLN B 195 6.22 13.13 -45.34
N PHE B 196 6.72 14.26 -44.84
CA PHE B 196 5.92 15.39 -44.30
C PHE B 196 4.84 15.80 -45.31
N HIS B 197 5.26 16.22 -46.51
CA HIS B 197 4.39 16.72 -47.61
C HIS B 197 3.37 15.64 -48.01
N LYS B 198 3.82 14.39 -48.17
CA LYS B 198 2.97 13.22 -48.56
C LYS B 198 1.88 13.03 -47.51
N GLU B 199 2.26 13.01 -46.22
CA GLU B 199 1.34 12.89 -45.06
C GLU B 199 0.36 14.07 -45.08
N ARG B 200 0.86 15.29 -45.34
CA ARG B 200 0.13 16.57 -45.16
C ARG B 200 -0.59 16.98 -46.46
N GLU B 201 -1.07 16.04 -47.26
CA GLU B 201 -1.88 16.33 -48.48
C GLU B 201 -3.37 16.23 -48.12
N GLN B 202 -3.83 15.05 -47.72
CA GLN B 202 -5.25 14.79 -47.40
C GLN B 202 -5.58 15.45 -46.07
N PRO B 203 -6.64 16.29 -46.00
CA PRO B 203 -6.94 17.07 -44.80
C PRO B 203 -7.69 16.24 -43.77
N PRO B 204 -7.77 16.71 -42.51
CA PRO B 204 -8.52 16.02 -41.46
C PRO B 204 -10.00 15.86 -41.87
N ARG B 205 -10.42 14.62 -42.11
CA ARG B 205 -11.79 14.25 -42.56
C ARG B 205 -12.27 13.00 -41.83
N PHE B 206 -13.54 12.97 -41.43
CA PHE B 206 -14.27 11.73 -41.03
C PHE B 206 -14.38 10.82 -42.25
N ALA B 207 -13.65 9.69 -42.25
CA ALA B 207 -13.72 8.65 -43.30
C ALA B 207 -15.17 8.17 -43.43
N GLN B 208 -15.73 8.24 -44.64
CA GLN B 208 -17.15 7.92 -44.93
C GLN B 208 -17.30 6.41 -45.09
N PRO B 209 -18.32 5.79 -44.45
CA PRO B 209 -18.53 4.34 -44.55
C PRO B 209 -18.47 3.80 -46.00
N GLY B 210 -17.75 2.70 -46.20
CA GLY B 210 -17.68 1.96 -47.49
C GLY B 210 -16.45 2.29 -48.30
N SER B 211 -15.79 3.43 -48.04
CA SER B 211 -14.58 3.89 -48.78
C SER B 211 -13.36 3.01 -48.44
N PHE B 212 -12.31 3.09 -49.25
CA PHE B 212 -11.03 2.36 -49.09
C PHE B 212 -10.52 2.49 -47.65
N GLU B 213 -10.40 3.74 -47.20
CA GLU B 213 -9.81 4.16 -45.90
C GLU B 213 -10.65 3.70 -44.70
N TYR B 214 -11.99 3.60 -44.85
CA TYR B 214 -12.93 3.34 -43.72
C TYR B 214 -12.72 1.94 -43.16
N GLU B 215 -12.73 0.92 -44.03
CA GLU B 215 -12.56 -0.51 -43.63
C GLU B 215 -11.09 -0.83 -43.40
N TYR B 216 -10.18 0.08 -43.77
CA TYR B 216 -8.73 0.06 -43.43
C TYR B 216 -8.57 0.50 -41.98
N ALA B 217 -9.20 1.62 -41.63
CA ALA B 217 -9.12 2.28 -40.31
C ALA B 217 -10.20 1.72 -39.37
N MET B 218 -10.92 0.68 -39.79
CA MET B 218 -11.82 -0.11 -38.90
C MET B 218 -11.05 -1.32 -38.36
N ARG B 219 -9.90 -1.64 -38.95
CA ARG B 219 -8.97 -2.70 -38.48
C ARG B 219 -8.12 -2.14 -37.33
N TRP B 220 -7.55 -0.93 -37.51
CA TRP B 220 -6.86 -0.15 -36.45
C TRP B 220 -7.74 -0.14 -35.18
N LYS B 221 -8.99 0.31 -35.31
CA LYS B 221 -9.93 0.55 -34.18
C LYS B 221 -10.29 -0.79 -33.50
N ALA B 222 -9.92 -1.91 -34.11
CA ALA B 222 -9.97 -3.27 -33.51
C ALA B 222 -8.61 -3.64 -32.92
N LEU B 223 -7.52 -3.37 -33.65
CA LEU B 223 -6.12 -3.65 -33.21
C LEU B 223 -5.84 -3.01 -31.84
N ILE B 224 -6.42 -1.82 -31.59
CA ILE B 224 -6.25 -1.09 -30.30
C ILE B 224 -7.18 -1.68 -29.25
N GLU B 225 -8.37 -2.16 -29.64
CA GLU B 225 -9.32 -2.80 -28.69
C GLU B 225 -8.72 -4.10 -28.18
N MET B 226 -8.11 -4.91 -29.07
CA MET B 226 -7.50 -6.22 -28.69
C MET B 226 -6.22 -5.96 -27.88
N GLU B 227 -5.39 -5.01 -28.32
CA GLU B 227 -4.17 -4.55 -27.60
C GLU B 227 -4.55 -4.16 -26.16
N LYS B 228 -5.72 -3.56 -25.97
CA LYS B 228 -6.23 -3.14 -24.63
C LYS B 228 -6.80 -4.35 -23.89
N GLN B 229 -7.36 -5.33 -24.60
CA GLN B 229 -7.91 -6.59 -24.01
C GLN B 229 -6.75 -7.52 -23.64
N GLN B 230 -5.62 -7.41 -24.34
CA GLN B 230 -4.33 -8.09 -24.04
C GLN B 230 -3.70 -7.46 -22.79
N GLN B 231 -3.67 -6.12 -22.74
CA GLN B 231 -3.11 -5.31 -21.63
C GLN B 231 -3.97 -5.48 -20.38
N ASP B 232 -5.22 -5.95 -20.52
CA ASP B 232 -6.16 -6.22 -19.40
C ASP B 232 -6.04 -7.69 -18.96
N GLN B 233 -5.46 -8.54 -19.79
CA GLN B 233 -5.16 -9.96 -19.45
C GLN B 233 -3.86 -10.01 -18.64
N VAL B 234 -2.82 -9.28 -19.10
CA VAL B 234 -1.56 -9.06 -18.33
C VAL B 234 -1.94 -8.60 -16.92
N ASP B 235 -2.83 -7.61 -16.83
CA ASP B 235 -3.40 -7.08 -15.56
C ASP B 235 -3.87 -8.26 -14.69
N ARG B 236 -4.73 -9.11 -15.24
CA ARG B 236 -5.35 -10.27 -14.54
C ARG B 236 -4.28 -11.32 -14.23
N ASN B 237 -3.42 -11.62 -15.20
CA ASN B 237 -2.29 -12.58 -15.06
C ASN B 237 -1.50 -12.22 -13.79
N ILE B 238 -1.06 -10.97 -13.70
CA ILE B 238 -0.10 -10.51 -12.65
C ILE B 238 -0.85 -10.34 -11.32
N LYS B 239 -2.13 -9.96 -11.35
CA LYS B 239 -2.96 -9.86 -10.13
C LYS B 239 -3.03 -11.23 -9.46
N GLU B 240 -3.36 -12.27 -10.24
CA GLU B 240 -3.53 -13.66 -9.74
C GLU B 240 -2.21 -14.15 -9.14
N ALA B 241 -1.09 -13.89 -9.83
CA ALA B 241 0.28 -14.26 -9.39
C ALA B 241 0.66 -13.49 -8.12
N ARG B 242 0.27 -12.21 -8.03
CA ARG B 242 0.45 -11.37 -6.83
C ARG B 242 -0.28 -12.04 -5.65
N GLU B 243 -1.59 -12.23 -5.81
CA GLU B 243 -2.46 -12.90 -4.81
C GLU B 243 -1.77 -14.18 -4.36
N LYS B 244 -1.46 -15.09 -5.29
CA LYS B 244 -0.80 -16.39 -5.02
C LYS B 244 0.47 -16.17 -4.17
N LEU B 245 1.31 -15.21 -4.55
CA LEU B 245 2.63 -14.99 -3.89
C LEU B 245 2.41 -14.47 -2.46
N GLU B 246 1.43 -13.60 -2.23
CA GLU B 246 1.10 -13.07 -0.88
C GLU B 246 0.83 -14.25 0.07
N MET B 247 0.02 -15.21 -0.38
CA MET B 247 -0.40 -16.40 0.42
C MET B 247 0.80 -17.26 0.78
N GLU B 248 1.60 -17.70 -0.21
CA GLU B 248 2.85 -18.48 0.01
C GLU B 248 3.70 -17.82 1.10
N MET B 249 3.76 -16.49 1.11
CA MET B 249 4.63 -15.65 1.98
C MET B 249 4.03 -15.57 3.38
N GLU B 250 2.73 -15.33 3.49
CA GLU B 250 1.94 -15.43 4.76
C GLU B 250 2.37 -16.69 5.50
N ALA B 251 2.26 -17.83 4.81
CA ALA B 251 2.50 -19.19 5.31
C ALA B 251 3.97 -19.36 5.73
N ALA B 252 4.91 -18.89 4.89
CA ALA B 252 6.38 -19.04 5.09
C ALA B 252 6.86 -18.20 6.28
N ARG B 253 6.10 -17.18 6.69
CA ARG B 253 6.41 -16.32 7.86
C ARG B 253 6.04 -17.06 9.15
N HIS B 254 5.24 -18.14 9.05
CA HIS B 254 4.73 -18.94 10.20
C HIS B 254 5.72 -20.04 10.59
N GLU B 255 6.87 -20.13 9.91
CA GLU B 255 7.92 -21.14 10.15
C GLU B 255 8.85 -20.68 11.29
N HIS B 256 8.45 -19.66 12.06
CA HIS B 256 9.16 -19.12 13.26
C HIS B 256 10.66 -18.99 12.99
N TYR C 83 -2.19 -30.73 35.60
CA TYR C 83 -3.44 -30.89 36.39
C TYR C 83 -3.67 -29.66 37.26
N THR C 84 -3.74 -28.47 36.64
CA THR C 84 -3.92 -27.16 37.32
C THR C 84 -5.42 -26.83 37.40
N GLN C 85 -5.77 -25.62 37.87
CA GLN C 85 -7.19 -25.13 37.97
C GLN C 85 -7.76 -24.84 36.58
N ARG C 86 -6.89 -24.56 35.61
CA ARG C 86 -7.26 -24.29 34.18
C ARG C 86 -7.62 -25.62 33.50
N CYS C 87 -7.40 -26.75 34.16
CA CYS C 87 -7.77 -28.12 33.70
C CYS C 87 -9.11 -28.57 34.35
N ARG C 88 -9.63 -27.79 35.31
CA ARG C 88 -10.87 -28.10 36.08
C ARG C 88 -12.09 -27.94 35.16
N LEU C 89 -12.94 -28.98 35.09
CA LEU C 89 -14.17 -29.03 34.24
C LEU C 89 -15.37 -29.44 35.09
N PHE C 90 -16.35 -28.55 35.24
CA PHE C 90 -17.64 -28.80 35.95
C PHE C 90 -18.63 -29.42 34.95
N VAL C 91 -19.47 -30.34 35.42
CA VAL C 91 -20.46 -31.09 34.58
C VAL C 91 -21.80 -31.17 35.33
N GLY C 92 -22.79 -30.40 34.90
CA GLY C 92 -24.18 -30.45 35.38
C GLY C 92 -25.08 -31.28 34.48
N ASN C 93 -26.31 -31.55 34.94
CA ASN C 93 -27.40 -32.26 34.20
C ASN C 93 -27.11 -33.77 34.10
N LEU C 94 -26.23 -34.30 34.96
CA LEU C 94 -25.96 -35.76 35.08
C LEU C 94 -27.16 -36.43 35.74
N PRO C 95 -27.33 -37.76 35.62
CA PRO C 95 -28.36 -38.47 36.38
C PRO C 95 -28.18 -38.39 37.91
N ALA C 96 -29.25 -38.65 38.67
CA ALA C 96 -29.27 -38.65 40.16
C ALA C 96 -28.80 -40.01 40.69
N ASP C 97 -28.53 -40.98 39.81
CA ASP C 97 -28.02 -42.34 40.14
C ASP C 97 -26.56 -42.47 39.67
N ILE C 98 -25.85 -41.34 39.56
CA ILE C 98 -24.43 -41.27 39.08
C ILE C 98 -23.49 -41.64 40.24
N THR C 99 -22.47 -42.46 39.98
CA THR C 99 -21.42 -42.87 40.95
C THR C 99 -20.12 -42.10 40.68
N GLU C 100 -19.12 -42.30 41.54
CA GLU C 100 -17.75 -41.75 41.41
C GLU C 100 -17.04 -42.41 40.21
N ASP C 101 -17.54 -43.57 39.75
CA ASP C 101 -16.93 -44.39 38.67
C ASP C 101 -17.68 -44.15 37.34
N GLU C 102 -19.00 -43.93 37.38
CA GLU C 102 -19.85 -43.66 36.18
C GLU C 102 -19.44 -42.32 35.54
N PHE C 103 -19.01 -41.37 36.36
CA PHE C 103 -18.58 -40.00 35.99
C PHE C 103 -17.15 -40.05 35.41
N LYS C 104 -16.30 -40.94 35.92
CA LYS C 104 -14.87 -41.10 35.52
C LYS C 104 -14.76 -41.75 34.13
N ARG C 105 -15.82 -42.43 33.66
CA ARG C 105 -15.81 -43.26 32.41
C ARG C 105 -16.20 -42.41 31.20
N LEU C 106 -17.00 -41.35 31.40
CA LEU C 106 -17.29 -40.29 30.39
C LEU C 106 -15.96 -39.72 29.87
N PHE C 107 -15.04 -39.42 30.78
CA PHE C 107 -13.75 -38.71 30.55
C PHE C 107 -12.56 -39.68 30.59
N ALA C 108 -12.82 -40.99 30.59
CA ALA C 108 -11.77 -42.04 30.60
C ALA C 108 -10.94 -41.95 29.31
N LYS C 109 -11.59 -41.56 28.22
CA LYS C 109 -11.02 -41.47 26.85
C LYS C 109 -9.84 -40.49 26.78
N TYR C 110 -9.81 -39.47 27.65
CA TYR C 110 -8.87 -38.31 27.60
C TYR C 110 -7.67 -38.52 28.54
N GLY C 111 -7.27 -39.79 28.77
CA GLY C 111 -6.18 -40.15 29.69
C GLY C 111 -6.66 -40.29 31.11
N GLU C 112 -5.74 -40.26 32.08
CA GLU C 112 -6.02 -40.49 33.52
C GLU C 112 -6.73 -39.28 34.11
N PRO C 113 -7.77 -39.47 34.95
CA PRO C 113 -8.41 -38.36 35.67
C PRO C 113 -7.53 -37.82 36.82
N GLY C 114 -7.79 -36.58 37.25
CA GLY C 114 -7.15 -35.93 38.42
C GLY C 114 -8.08 -35.89 39.61
N GLU C 115 -8.16 -34.76 40.31
CA GLU C 115 -9.09 -34.53 41.45
C GLU C 115 -10.53 -34.63 40.95
N VAL C 116 -11.22 -35.74 41.25
CA VAL C 116 -12.65 -35.99 40.88
C VAL C 116 -13.53 -35.87 42.14
N PHE C 117 -14.65 -35.15 42.02
CA PHE C 117 -15.73 -35.05 43.04
C PHE C 117 -17.09 -35.12 42.32
N ILE C 118 -18.07 -35.78 42.95
CA ILE C 118 -19.47 -35.90 42.46
C ILE C 118 -20.42 -35.53 43.60
N ASN C 119 -21.58 -34.95 43.25
CA ASN C 119 -22.75 -34.79 44.15
C ASN C 119 -23.82 -35.79 43.66
N LYS C 120 -23.86 -36.97 44.28
CA LYS C 120 -24.65 -38.14 43.81
C LYS C 120 -26.10 -37.72 43.54
N GLY C 121 -26.73 -37.06 44.51
CA GLY C 121 -28.14 -36.60 44.45
C GLY C 121 -28.34 -35.46 43.47
N LYS C 122 -27.54 -34.39 43.61
CA LYS C 122 -27.66 -33.13 42.83
C LYS C 122 -27.22 -33.36 41.37
N GLY C 123 -26.42 -34.40 41.10
CA GLY C 123 -25.96 -34.79 39.75
C GLY C 123 -25.08 -33.72 39.11
N PHE C 124 -24.08 -33.25 39.85
CA PHE C 124 -23.15 -32.16 39.45
C PHE C 124 -21.74 -32.45 39.99
N GLY C 125 -20.83 -32.87 39.10
CA GLY C 125 -19.44 -33.24 39.45
C GLY C 125 -18.41 -32.32 38.78
N PHE C 126 -17.21 -32.21 39.39
CA PHE C 126 -16.04 -31.49 38.81
C PHE C 126 -14.88 -32.49 38.64
N ILE C 127 -14.17 -32.39 37.51
CA ILE C 127 -13.03 -33.29 37.13
C ILE C 127 -11.86 -32.44 36.61
N LYS C 128 -10.64 -32.82 37.00
CA LYS C 128 -9.36 -32.27 36.49
C LYS C 128 -8.75 -33.24 35.49
N LEU C 129 -8.53 -32.80 34.25
CA LEU C 129 -7.78 -33.56 33.20
C LEU C 129 -6.33 -33.08 33.21
N GLU C 130 -5.49 -33.59 32.30
CA GLU C 130 -4.02 -33.38 32.30
C GLU C 130 -3.70 -31.98 31.76
N SER C 131 -4.24 -31.62 30.59
CA SER C 131 -3.92 -30.37 29.84
C SER C 131 -5.20 -29.59 29.52
N ARG C 132 -5.06 -28.28 29.26
CA ARG C 132 -6.15 -27.37 28.82
C ARG C 132 -6.65 -27.84 27.44
N ALA C 133 -5.77 -28.43 26.61
CA ALA C 133 -6.12 -28.98 25.28
C ALA C 133 -7.07 -30.17 25.43
N LEU C 134 -6.78 -31.09 26.37
CA LEU C 134 -7.65 -32.25 26.69
C LEU C 134 -8.99 -31.75 27.25
N ALA C 135 -8.94 -30.83 28.23
CA ALA C 135 -10.13 -30.18 28.85
C ALA C 135 -10.99 -29.50 27.77
N GLU C 136 -10.34 -28.89 26.78
CA GLU C 136 -11.04 -28.16 25.67
C GLU C 136 -11.67 -29.18 24.72
N ILE C 137 -11.02 -30.32 24.46
CA ILE C 137 -11.57 -31.40 23.60
C ILE C 137 -12.76 -32.03 24.34
N ALA C 138 -12.55 -32.41 25.61
CA ALA C 138 -13.58 -32.92 26.54
C ALA C 138 -14.84 -32.05 26.45
N LYS C 139 -14.72 -30.76 26.83
CA LYS C 139 -15.84 -29.79 26.78
C LYS C 139 -16.48 -29.83 25.38
N ALA C 140 -15.74 -29.43 24.35
CA ALA C 140 -16.23 -29.34 22.95
C ALA C 140 -17.00 -30.60 22.57
N GLU C 141 -16.53 -31.79 22.99
CA GLU C 141 -17.14 -33.10 22.63
C GLU C 141 -18.41 -33.37 23.46
N LEU C 142 -18.35 -33.22 24.79
CA LEU C 142 -19.38 -33.75 25.74
C LEU C 142 -20.47 -32.70 26.05
N ASP C 143 -20.17 -31.40 25.89
CA ASP C 143 -21.06 -30.27 26.27
C ASP C 143 -22.28 -30.21 25.34
N ASP C 144 -23.49 -30.12 25.91
CA ASP C 144 -24.78 -30.03 25.18
C ASP C 144 -24.98 -31.31 24.36
N THR C 145 -24.84 -32.47 25.01
CA THR C 145 -25.04 -33.82 24.42
C THR C 145 -26.05 -34.59 25.27
N PRO C 146 -26.83 -35.53 24.68
CA PRO C 146 -27.85 -36.26 25.43
C PRO C 146 -27.26 -37.37 26.31
N MET C 147 -27.59 -37.37 27.61
CA MET C 147 -27.24 -38.44 28.58
C MET C 147 -28.43 -38.67 29.53
N ARG C 148 -29.26 -39.67 29.22
CA ARG C 148 -30.49 -40.03 29.97
C ARG C 148 -31.46 -38.83 29.96
N GLY C 149 -31.85 -38.38 28.76
CA GLY C 149 -32.95 -37.43 28.51
C GLY C 149 -32.64 -36.01 28.95
N ARG C 150 -31.38 -35.69 29.25
CA ARG C 150 -30.93 -34.32 29.68
C ARG C 150 -29.69 -33.92 28.89
N GLN C 151 -29.57 -32.63 28.56
CA GLN C 151 -28.39 -32.01 27.89
C GLN C 151 -27.36 -31.63 28.98
N LEU C 152 -26.17 -32.26 28.94
CA LEU C 152 -25.04 -32.01 29.88
C LEU C 152 -24.53 -30.59 29.69
N ARG C 153 -24.24 -29.88 30.79
CA ARG C 153 -23.58 -28.55 30.81
C ARG C 153 -22.15 -28.72 31.31
N VAL C 154 -21.19 -28.92 30.40
CA VAL C 154 -19.73 -29.00 30.69
C VAL C 154 -19.14 -27.58 30.54
N ARG C 155 -18.60 -27.04 31.62
CA ARG C 155 -18.05 -25.66 31.70
C ARG C 155 -16.72 -25.66 32.46
N PHE C 156 -15.84 -24.70 32.17
CA PHE C 156 -14.59 -24.41 32.94
C PHE C 156 -14.97 -23.71 34.25
N ALA C 157 -13.98 -23.30 35.04
CA ALA C 157 -14.14 -22.55 36.32
C ALA C 157 -14.17 -21.05 36.05
N THR C 158 -14.52 -20.24 37.05
CA THR C 158 -14.43 -18.76 37.04
C THR C 158 -13.13 -18.35 37.75
N HIS C 159 -12.03 -18.39 37.00
CA HIS C 159 -10.64 -18.14 37.47
C HIS C 159 -10.54 -16.75 38.11
N ALA C 160 -10.12 -16.67 39.37
CA ALA C 160 -10.02 -15.42 40.17
C ALA C 160 -8.58 -15.19 40.66
N ALA C 161 -7.64 -16.09 40.36
CA ALA C 161 -6.24 -16.07 40.84
C ALA C 161 -5.29 -15.62 39.72
N ALA C 162 -5.79 -14.81 38.79
CA ALA C 162 -5.04 -14.33 37.59
C ALA C 162 -4.77 -12.83 37.72
N LEU C 163 -3.57 -12.41 37.30
CA LEU C 163 -3.09 -11.01 37.36
C LEU C 163 -2.39 -10.62 36.05
N SER C 164 -2.72 -9.44 35.51
CA SER C 164 -2.02 -8.79 34.38
C SER C 164 -0.71 -8.19 34.89
N VAL C 165 0.39 -8.45 34.19
CA VAL C 165 1.73 -7.85 34.49
C VAL C 165 2.16 -7.03 33.27
N ARG C 166 2.27 -5.71 33.44
CA ARG C 166 2.65 -4.74 32.38
C ARG C 166 4.05 -4.18 32.65
N ASN C 167 4.65 -3.55 31.64
CA ASN C 167 5.95 -2.85 31.70
C ASN C 167 7.07 -3.87 31.93
N LEU C 168 7.00 -5.04 31.28
CA LEU C 168 8.06 -6.07 31.31
C LEU C 168 9.13 -5.72 30.26
N SER C 169 10.41 -5.95 30.58
CA SER C 169 11.52 -5.95 29.59
C SER C 169 11.22 -7.02 28.54
N PRO C 170 11.48 -6.76 27.24
CA PRO C 170 11.30 -7.78 26.21
C PRO C 170 12.23 -9.00 26.34
N TYR C 171 13.16 -8.97 27.33
CA TYR C 171 14.10 -10.08 27.67
C TYR C 171 13.59 -10.84 28.91
N VAL C 172 12.40 -10.51 29.41
CA VAL C 172 11.69 -11.31 30.45
C VAL C 172 10.99 -12.47 29.75
N SER C 173 11.37 -13.72 30.08
CA SER C 173 10.82 -14.98 29.52
C SER C 173 9.63 -15.44 30.37
N ASN C 174 8.91 -16.46 29.91
CA ASN C 174 7.82 -17.10 30.69
C ASN C 174 8.40 -17.66 31.98
N GLU C 175 9.62 -18.21 31.90
CA GLU C 175 10.33 -18.90 33.01
C GLU C 175 10.85 -17.85 34.02
N LEU C 176 11.49 -16.79 33.55
CA LEU C 176 11.96 -15.67 34.42
C LEU C 176 10.75 -15.09 35.15
N LEU C 177 9.68 -14.73 34.42
CA LEU C 177 8.41 -14.22 35.01
C LEU C 177 7.93 -15.21 36.07
N GLU C 178 7.92 -16.51 35.73
CA GLU C 178 7.47 -17.63 36.61
C GLU C 178 8.30 -17.61 37.90
N GLU C 179 9.62 -17.72 37.78
CA GLU C 179 10.59 -17.71 38.91
C GLU C 179 10.39 -16.44 39.74
N ALA C 180 10.32 -15.27 39.10
CA ALA C 180 10.18 -13.95 39.74
C ALA C 180 8.97 -13.92 40.69
N PHE C 181 7.84 -14.50 40.26
CA PHE C 181 6.53 -14.40 40.93
C PHE C 181 6.26 -15.61 41.83
N SER C 182 7.03 -16.69 41.68
CA SER C 182 6.88 -17.96 42.46
C SER C 182 7.08 -17.70 43.96
N GLN C 183 7.72 -16.58 44.33
CA GLN C 183 7.94 -16.16 45.73
C GLN C 183 6.61 -15.85 46.42
N PHE C 184 5.60 -15.42 45.66
CA PHE C 184 4.31 -14.90 46.19
C PHE C 184 3.32 -16.03 46.51
N GLY C 185 3.55 -17.24 46.00
CA GLY C 185 2.70 -18.42 46.26
C GLY C 185 2.88 -19.52 45.22
N PRO C 186 1.88 -20.40 45.02
CA PRO C 186 1.94 -21.44 44.00
C PRO C 186 1.56 -20.91 42.61
N ILE C 187 2.47 -21.05 41.63
CA ILE C 187 2.31 -20.55 40.22
C ILE C 187 1.80 -21.70 39.35
N GLU C 188 0.56 -21.56 38.84
CA GLU C 188 -0.12 -22.54 37.97
C GLU C 188 0.28 -22.29 36.52
N ARG C 189 0.03 -21.07 36.02
CA ARG C 189 0.55 -20.57 34.71
C ARG C 189 1.10 -19.15 34.88
N ALA C 190 2.21 -18.87 34.19
CA ALA C 190 2.83 -17.54 34.03
C ALA C 190 3.30 -17.40 32.57
N VAL C 191 2.66 -16.52 31.79
CA VAL C 191 2.94 -16.34 30.33
C VAL C 191 3.33 -14.89 30.05
N VAL C 192 4.31 -14.72 29.15
CA VAL C 192 4.60 -13.48 28.40
C VAL C 192 3.78 -13.54 27.10
N ILE C 193 2.91 -12.57 26.86
CA ILE C 193 2.13 -12.46 25.59
C ILE C 193 3.09 -11.94 24.51
N VAL C 194 3.09 -12.58 23.33
CA VAL C 194 3.99 -12.22 22.19
C VAL C 194 3.15 -11.85 20.96
N ASP C 195 3.76 -11.13 20.02
CA ASP C 195 3.12 -10.66 18.75
C ASP C 195 3.31 -11.74 17.68
N ASP C 196 2.93 -11.45 16.42
CA ASP C 196 3.06 -12.39 15.28
C ASP C 196 4.52 -12.80 15.09
N ARG C 197 5.46 -11.87 15.26
CA ARG C 197 6.93 -12.09 15.06
C ARG C 197 7.54 -12.73 16.32
N GLY C 198 6.73 -13.08 17.33
CA GLY C 198 7.14 -13.85 18.52
C GLY C 198 7.80 -12.99 19.59
N ARG C 199 7.82 -11.67 19.41
CA ARG C 199 8.48 -10.70 20.33
C ARG C 199 7.48 -10.29 21.42
N SER C 200 7.95 -10.17 22.66
CA SER C 200 7.15 -9.82 23.87
C SER C 200 6.46 -8.46 23.67
N THR C 201 5.23 -8.34 24.17
CA THR C 201 4.41 -7.10 24.10
C THR C 201 4.59 -6.27 25.38
N GLY C 202 5.54 -6.66 26.24
CA GLY C 202 5.74 -6.07 27.58
C GLY C 202 4.61 -6.42 28.53
N LYS C 203 3.66 -7.25 28.09
CA LYS C 203 2.46 -7.68 28.85
C LYS C 203 2.54 -9.18 29.08
N GLY C 204 1.90 -9.66 30.16
CA GLY C 204 1.88 -11.09 30.54
C GLY C 204 0.77 -11.40 31.53
N ILE C 205 0.49 -12.69 31.72
CA ILE C 205 -0.50 -13.21 32.70
C ILE C 205 0.27 -13.99 33.77
N VAL C 206 -0.05 -13.75 35.05
CA VAL C 206 0.43 -14.57 36.20
C VAL C 206 -0.81 -15.16 36.89
N GLU C 207 -0.97 -16.49 36.79
CA GLU C 207 -2.10 -17.26 37.36
C GLU C 207 -1.59 -18.03 38.59
N PHE C 208 -2.19 -17.77 39.76
CA PHE C 208 -1.88 -18.42 41.06
C PHE C 208 -2.86 -19.56 41.33
N ALA C 209 -2.66 -20.28 42.44
CA ALA C 209 -3.53 -21.38 42.93
C ALA C 209 -4.63 -20.81 43.84
N SER C 210 -4.25 -19.93 44.77
CA SER C 210 -5.17 -19.25 45.73
C SER C 210 -5.29 -17.76 45.35
N LYS C 211 -6.33 -17.07 45.84
CA LYS C 211 -6.57 -15.62 45.61
C LYS C 211 -5.68 -14.77 46.53
N PRO C 212 -5.55 -15.07 47.86
CA PRO C 212 -4.73 -14.25 48.74
C PRO C 212 -3.23 -14.22 48.36
N ALA C 213 -2.74 -15.29 47.72
CA ALA C 213 -1.37 -15.38 47.15
C ALA C 213 -1.24 -14.41 45.96
N ALA C 214 -2.37 -14.06 45.34
CA ALA C 214 -2.48 -13.07 44.23
C ALA C 214 -2.77 -11.67 44.80
N ARG C 215 -3.59 -11.57 45.85
CA ARG C 215 -3.86 -10.30 46.59
C ARG C 215 -2.52 -9.78 47.15
N LYS C 216 -1.74 -10.68 47.73
CA LYS C 216 -0.33 -10.47 48.20
C LYS C 216 0.50 -9.88 47.06
N ALA C 217 0.60 -10.61 45.94
CA ALA C 217 1.38 -10.24 44.73
C ALA C 217 0.99 -8.84 44.24
N PHE C 218 -0.30 -8.51 44.28
CA PHE C 218 -0.85 -7.19 43.84
C PHE C 218 -0.43 -6.10 44.83
N GLU C 219 -0.63 -6.34 46.14
CA GLU C 219 -0.40 -5.35 47.23
C GLU C 219 1.10 -5.06 47.36
N ARG C 220 1.97 -6.08 47.26
CA ARG C 220 3.44 -5.96 47.44
C ARG C 220 4.05 -5.18 46.26
N CYS C 221 3.64 -5.50 45.03
CA CYS C 221 4.18 -4.89 43.77
C CYS C 221 3.66 -3.46 43.60
N SER C 222 2.44 -3.16 44.06
CA SER C 222 1.78 -1.83 43.92
C SER C 222 2.17 -0.90 45.07
N GLU C 223 2.68 -1.44 46.19
CA GLU C 223 3.19 -0.67 47.35
C GLU C 223 4.71 -0.54 47.25
N GLY C 224 5.42 -1.67 47.11
CA GLY C 224 6.86 -1.70 46.79
C GLY C 224 7.10 -1.41 45.32
N VAL C 225 8.35 -1.56 44.84
CA VAL C 225 8.73 -1.32 43.42
C VAL C 225 9.56 -2.51 42.94
N PHE C 226 8.88 -3.52 42.39
CA PHE C 226 9.45 -4.85 42.04
C PHE C 226 10.06 -4.81 40.63
N LEU C 227 11.37 -5.11 40.53
CA LEU C 227 12.13 -5.18 39.26
C LEU C 227 12.29 -6.65 38.87
N LEU C 228 12.50 -6.92 37.59
CA LEU C 228 12.71 -8.30 37.06
C LEU C 228 14.04 -8.40 36.32
N THR C 229 14.70 -7.27 36.05
CA THR C 229 15.99 -7.22 35.30
C THR C 229 16.89 -6.12 35.89
N THR C 230 18.10 -5.98 35.34
CA THR C 230 19.16 -5.00 35.72
C THR C 230 18.60 -3.58 35.68
N THR C 231 17.97 -3.20 34.56
CA THR C 231 17.23 -1.92 34.36
C THR C 231 16.22 -1.77 35.50
N PRO C 232 16.10 -0.57 36.12
CA PRO C 232 15.10 -0.34 37.16
C PRO C 232 13.72 -0.04 36.56
N ARG C 233 13.22 -0.98 35.74
CA ARG C 233 11.91 -0.97 35.05
C ARG C 233 10.87 -1.68 35.91
N PRO C 234 10.06 -0.95 36.70
CA PRO C 234 9.11 -1.60 37.61
C PRO C 234 7.94 -2.30 36.91
N VAL C 235 7.56 -3.49 37.40
CA VAL C 235 6.42 -4.28 36.88
C VAL C 235 5.13 -3.73 37.50
N ILE C 236 4.22 -3.23 36.66
CA ILE C 236 2.83 -2.82 37.04
C ILE C 236 1.96 -4.08 37.08
N VAL C 237 1.15 -4.22 38.13
CA VAL C 237 0.31 -5.43 38.40
C VAL C 237 -1.14 -4.99 38.64
N GLU C 238 -2.03 -5.42 37.74
CA GLU C 238 -3.49 -5.15 37.78
C GLU C 238 -4.23 -6.48 37.78
N PRO C 239 -5.50 -6.54 38.27
CA PRO C 239 -6.29 -7.76 38.18
C PRO C 239 -6.64 -8.07 36.72
N LEU C 240 -6.42 -9.31 36.28
CA LEU C 240 -6.65 -9.72 34.86
C LEU C 240 -8.13 -9.57 34.52
N GLU C 241 -8.46 -8.59 33.68
CA GLU C 241 -9.82 -8.33 33.12
C GLU C 241 -10.18 -9.49 32.18
N GLN C 242 -11.18 -10.29 32.54
CA GLN C 242 -11.70 -11.40 31.70
C GLN C 242 -12.73 -10.85 30.71
N LEU C 243 -12.50 -11.08 29.42
CA LEU C 243 -13.43 -10.75 28.30
C LEU C 243 -13.65 -12.00 27.46
N ASP C 244 -14.87 -12.21 26.96
CA ASP C 244 -15.26 -13.40 26.14
C ASP C 244 -15.25 -13.01 24.67
N ASP C 245 -14.28 -13.55 23.90
CA ASP C 245 -14.11 -13.30 22.44
C ASP C 245 -14.38 -14.60 21.66
N GLU C 246 -15.34 -15.41 22.11
CA GLU C 246 -15.68 -16.72 21.49
C GLU C 246 -17.21 -16.89 21.42
N ASP C 247 -17.91 -16.73 22.55
CA ASP C 247 -19.38 -16.88 22.65
C ASP C 247 -20.04 -15.51 22.37
N GLY C 248 -19.44 -14.45 22.91
CA GLY C 248 -19.89 -13.05 22.73
C GLY C 248 -21.35 -12.89 23.10
N LEU C 249 -22.12 -12.22 22.24
CA LEU C 249 -23.52 -11.80 22.50
C LEU C 249 -24.39 -12.24 21.34
N PRO C 250 -25.00 -13.45 21.40
CA PRO C 250 -25.88 -13.94 20.35
C PRO C 250 -27.18 -13.11 20.20
N GLU C 251 -27.74 -13.07 18.99
CA GLU C 251 -28.97 -12.28 18.65
C GLU C 251 -30.13 -12.71 19.56
N LYS C 252 -30.29 -14.02 19.78
CA LYS C 252 -31.41 -14.62 20.56
C LYS C 252 -31.43 -14.02 21.98
N LEU C 253 -30.26 -13.72 22.55
CA LEU C 253 -30.12 -13.08 23.90
C LEU C 253 -30.21 -11.55 23.78
N ALA C 254 -29.70 -10.96 22.70
CA ALA C 254 -29.78 -9.52 22.40
C ALA C 254 -31.25 -9.10 22.15
N GLN C 255 -32.03 -10.01 21.54
CA GLN C 255 -33.42 -9.79 21.07
C GLN C 255 -34.40 -9.56 22.23
N LYS C 256 -34.08 -10.04 23.43
CA LYS C 256 -34.91 -9.82 24.66
C LYS C 256 -35.05 -8.32 24.93
N ASN C 257 -34.00 -7.52 24.67
CA ASN C 257 -34.03 -6.05 24.86
C ASN C 257 -34.82 -5.44 23.71
N PRO C 258 -35.97 -4.76 24.00
CA PRO C 258 -36.81 -4.21 22.93
C PRO C 258 -36.12 -3.12 22.09
N MET C 259 -35.07 -2.50 22.62
CA MET C 259 -34.32 -1.42 21.90
C MET C 259 -33.42 -2.03 20.82
N TYR C 260 -32.94 -3.27 20.99
CA TYR C 260 -32.22 -4.03 19.92
C TYR C 260 -33.12 -4.09 18.68
N GLN C 261 -34.39 -4.44 18.86
CA GLN C 261 -35.41 -4.51 17.77
C GLN C 261 -35.56 -3.14 17.12
N LYS C 262 -35.68 -2.08 17.95
CA LYS C 262 -35.86 -0.67 17.52
C LYS C 262 -34.73 -0.30 16.54
N GLU C 263 -33.48 -0.44 17.01
CA GLU C 263 -32.24 -0.09 16.27
C GLU C 263 -32.09 -0.94 15.00
N ARG C 264 -32.53 -2.20 15.04
CA ARG C 264 -32.39 -3.20 13.94
C ARG C 264 -33.35 -2.88 12.77
N GLU C 265 -34.24 -1.90 12.92
CA GLU C 265 -35.25 -1.52 11.90
C GLU C 265 -34.54 -0.98 10.64
N THR C 266 -33.39 -0.30 10.81
CA THR C 266 -32.53 0.16 9.69
C THR C 266 -31.39 -0.83 9.49
N PRO C 267 -31.20 -1.36 8.26
CA PRO C 267 -30.21 -2.42 8.03
C PRO C 267 -28.80 -1.86 7.92
N PRO C 268 -27.74 -2.69 8.03
CA PRO C 268 -26.37 -2.22 7.85
C PRO C 268 -26.22 -1.61 6.45
N ARG C 269 -25.48 -0.50 6.35
CA ARG C 269 -25.41 0.32 5.12
C ARG C 269 -24.21 1.29 5.22
N PHE C 270 -23.82 1.89 4.10
CA PHE C 270 -22.90 3.05 4.05
C PHE C 270 -23.76 4.31 4.01
N ALA C 271 -23.38 5.33 4.78
CA ALA C 271 -24.04 6.66 4.83
C ALA C 271 -24.04 7.24 3.40
N GLN C 272 -25.23 7.42 2.83
CA GLN C 272 -25.42 7.95 1.45
C GLN C 272 -25.34 9.48 1.50
N HIS C 273 -24.48 10.06 0.66
CA HIS C 273 -24.23 11.52 0.52
C HIS C 273 -25.56 12.28 0.39
N GLY C 274 -25.64 13.47 1.01
CA GLY C 274 -26.82 14.34 0.99
C GLY C 274 -27.96 13.79 1.83
N THR C 275 -27.67 13.38 3.06
CA THR C 275 -28.65 12.90 4.08
C THR C 275 -28.29 13.53 5.42
N PHE C 276 -29.25 13.62 6.34
CA PHE C 276 -29.02 13.85 7.80
C PHE C 276 -27.94 12.87 8.25
N GLU C 277 -28.17 11.60 7.93
CA GLU C 277 -27.28 10.44 8.21
C GLU C 277 -25.84 10.80 7.88
N TYR C 278 -25.58 11.29 6.66
CA TYR C 278 -24.22 11.60 6.15
C TYR C 278 -23.61 12.77 6.93
N GLU C 279 -24.35 13.88 7.07
CA GLU C 279 -23.85 15.14 7.70
C GLU C 279 -23.29 14.83 9.09
N TYR C 280 -23.97 14.00 9.86
CA TYR C 280 -23.62 13.69 11.27
C TYR C 280 -22.62 12.53 11.34
N SER C 281 -22.73 11.55 10.42
CA SER C 281 -21.71 10.51 10.17
C SER C 281 -20.33 11.16 10.03
N GLN C 282 -20.23 12.18 9.17
CA GLN C 282 -18.96 12.90 8.90
C GLN C 282 -18.46 13.52 10.19
N ARG C 283 -19.36 14.09 10.99
CA ARG C 283 -18.99 14.77 12.27
C ARG C 283 -18.46 13.73 13.26
N TRP C 284 -19.09 12.56 13.37
CA TRP C 284 -18.58 11.41 14.16
C TRP C 284 -17.17 11.06 13.69
N LYS C 285 -16.95 10.98 12.37
CA LYS C 285 -15.63 10.63 11.79
C LYS C 285 -14.61 11.63 12.34
N SER C 286 -14.95 12.92 12.35
CA SER C 286 -14.03 14.02 12.70
C SER C 286 -13.83 14.11 14.22
N LEU C 287 -14.72 13.51 15.02
CA LEU C 287 -14.54 13.37 16.49
C LEU C 287 -13.53 12.25 16.78
N ASP C 288 -13.51 11.20 15.94
CA ASP C 288 -12.59 10.05 16.05
C ASP C 288 -11.17 10.50 15.69
N GLU C 289 -11.03 11.33 14.65
CA GLU C 289 -9.75 11.98 14.25
C GLU C 289 -9.24 12.82 15.43
N MET C 290 -10.11 13.63 16.04
CA MET C 290 -9.78 14.45 17.24
C MET C 290 -9.23 13.55 18.35
N GLU C 291 -9.88 12.41 18.61
CA GLU C 291 -9.44 11.45 19.66
C GLU C 291 -8.07 10.87 19.28
N LYS C 292 -7.91 10.42 18.03
CA LYS C 292 -6.65 9.84 17.48
C LYS C 292 -5.51 10.84 17.71
N GLN C 293 -5.69 12.10 17.32
CA GLN C 293 -4.69 13.19 17.48
C GLN C 293 -4.28 13.30 18.96
N GLN C 294 -5.25 13.35 19.87
CA GLN C 294 -5.04 13.60 21.33
C GLN C 294 -4.33 12.40 21.98
N ARG C 295 -4.60 11.17 21.54
CA ARG C 295 -3.96 9.94 22.08
C ARG C 295 -2.53 9.82 21.53
N GLU C 296 -2.25 10.39 20.36
CA GLU C 296 -0.89 10.46 19.76
C GLU C 296 -0.05 11.48 20.56
N GLN C 297 -0.67 12.59 20.99
CA GLN C 297 -0.05 13.60 21.89
C GLN C 297 0.39 12.94 23.20
N VAL C 298 -0.45 12.07 23.77
CA VAL C 298 -0.15 11.35 25.06
C VAL C 298 0.97 10.33 24.81
N GLU C 299 1.04 9.74 23.62
CA GLU C 299 2.11 8.78 23.23
C GLU C 299 3.44 9.54 23.12
N LYS C 300 3.44 10.71 22.46
CA LYS C 300 4.61 11.62 22.37
C LYS C 300 5.10 11.95 23.78
N ASN C 301 4.18 12.41 24.64
CA ASN C 301 4.48 12.90 26.02
C ASN C 301 5.05 11.77 26.88
N MET C 302 4.63 10.52 26.65
CA MET C 302 5.11 9.32 27.38
C MET C 302 6.50 8.94 26.87
N LYS C 303 6.71 8.99 25.56
CA LYS C 303 8.01 8.72 24.90
C LYS C 303 9.05 9.77 25.33
N ASP C 304 8.69 11.07 25.25
CA ASP C 304 9.61 12.21 25.51
C ASP C 304 9.88 12.37 27.01
N ALA C 305 9.34 11.49 27.86
CA ALA C 305 9.57 11.45 29.33
C ALA C 305 10.37 10.19 29.68
N LYS C 306 9.96 9.04 29.14
CA LYS C 306 10.67 7.73 29.28
C LYS C 306 12.08 7.86 28.71
N ASP C 307 12.28 8.72 27.70
CA ASP C 307 13.58 8.92 27.00
C ASP C 307 14.49 9.85 27.82
N LYS C 308 13.94 10.87 28.46
CA LYS C 308 14.65 11.68 29.49
C LYS C 308 15.26 10.71 30.51
N LEU C 309 14.40 9.88 31.10
CA LEU C 309 14.72 8.92 32.20
C LEU C 309 15.74 7.88 31.75
N GLU C 310 15.61 7.39 30.51
CA GLU C 310 16.47 6.31 29.97
C GLU C 310 17.89 6.85 29.81
N SER C 311 18.03 8.07 29.29
CA SER C 311 19.33 8.79 29.14
C SER C 311 20.04 8.90 30.50
N GLU C 312 19.32 9.29 31.56
CA GLU C 312 19.83 9.41 32.95
C GLU C 312 20.31 8.04 33.45
N MET C 313 19.54 6.98 33.14
CA MET C 313 19.80 5.61 33.64
C MET C 313 21.01 5.02 32.91
N GLU C 314 21.07 5.18 31.59
CA GLU C 314 22.18 4.67 30.73
C GLU C 314 23.49 5.39 31.08
N ASP C 315 23.43 6.67 31.46
CA ASP C 315 24.59 7.46 31.93
C ASP C 315 25.09 6.85 33.25
N ALA C 316 24.17 6.62 34.19
CA ALA C 316 24.45 6.01 35.53
C ALA C 316 24.92 4.57 35.38
N TYR C 317 24.50 3.88 34.32
CA TYR C 317 24.96 2.51 33.98
C TYR C 317 26.43 2.57 33.52
N HIS C 318 26.73 3.40 32.52
CA HIS C 318 28.07 3.58 31.90
C HIS C 318 29.07 4.10 32.93
N GLU C 319 28.62 4.94 33.88
CA GLU C 319 29.45 5.43 35.01
C GLU C 319 29.85 4.22 35.88
N HIS C 320 28.91 3.30 36.14
CA HIS C 320 29.15 2.08 36.97
C HIS C 320 30.06 1.12 36.22
N GLN C 321 29.88 0.95 34.90
CA GLN C 321 30.70 0.05 34.04
C GLN C 321 32.14 0.58 33.97
N ALA C 322 32.33 1.89 33.91
CA ALA C 322 33.65 2.57 33.94
C ALA C 322 34.34 2.29 35.28
N ASN C 323 33.58 2.28 36.39
CA ASN C 323 34.09 1.99 37.75
C ASN C 323 34.53 0.53 37.80
N LEU C 324 33.66 -0.40 37.39
CA LEU C 324 33.93 -1.87 37.39
C LEU C 324 35.14 -2.18 36.50
N LEU C 325 35.38 -1.42 35.43
CA LEU C 325 36.53 -1.61 34.50
C LEU C 325 37.82 -1.09 35.17
N ARG C 326 37.76 0.03 35.87
CA ARG C 326 38.90 0.56 36.69
C ARG C 326 39.30 -0.50 37.74
N GLN C 327 38.32 -1.28 38.21
CA GLN C 327 38.51 -2.36 39.23
C GLN C 327 39.03 -3.64 38.54
N ASP C 328 38.52 -3.97 37.35
CA ASP C 328 39.05 -5.08 36.52
C ASP C 328 40.53 -4.82 36.24
N LEU C 329 40.83 -3.61 35.77
CA LEU C 329 42.20 -3.10 35.46
C LEU C 329 43.11 -3.28 36.69
N MET C 330 42.53 -3.15 37.89
CA MET C 330 43.25 -3.28 39.19
C MET C 330 43.54 -4.76 39.47
N ARG C 331 42.49 -5.59 39.51
CA ARG C 331 42.59 -7.06 39.79
C ARG C 331 43.71 -7.67 38.95
N ARG C 332 43.69 -7.42 37.63
CA ARG C 332 44.69 -7.93 36.64
C ARG C 332 46.10 -7.45 37.01
N GLN C 333 46.23 -6.25 37.61
CA GLN C 333 47.52 -5.64 38.04
C GLN C 333 47.99 -6.31 39.34
N GLU C 334 47.06 -6.59 40.26
CA GLU C 334 47.33 -7.28 41.54
C GLU C 334 47.68 -8.75 41.28
N GLU C 335 47.23 -9.31 40.16
CA GLU C 335 47.59 -10.67 39.69
C GLU C 335 49.05 -10.64 39.21
N LEU C 336 49.38 -9.68 38.34
CA LEU C 336 50.74 -9.46 37.76
C LEU C 336 51.74 -9.15 38.88
N ARG C 337 51.30 -8.51 39.95
CA ARG C 337 52.13 -8.15 41.13
C ARG C 337 52.71 -9.45 41.71
N ARG C 338 51.82 -10.40 42.05
CA ARG C 338 52.15 -11.72 42.65
C ARG C 338 52.97 -12.54 41.64
N MET C 339 52.57 -12.48 40.36
CA MET C 339 53.21 -13.22 39.23
C MET C 339 54.68 -12.83 39.09
N GLU C 340 55.04 -11.56 39.29
CA GLU C 340 56.44 -11.07 39.18
C GLU C 340 57.17 -11.30 40.51
N GLU C 341 56.43 -11.39 41.62
CA GLU C 341 56.99 -11.70 42.97
C GLU C 341 57.44 -13.16 43.00
N LEU C 342 56.59 -14.11 42.59
CA LEU C 342 56.90 -15.56 42.52
C LEU C 342 58.10 -15.81 41.60
N HIS C 343 58.13 -15.13 40.45
CA HIS C 343 59.25 -15.17 39.47
C HIS C 343 60.54 -14.75 40.17
N ASN C 344 60.62 -13.49 40.64
CA ASN C 344 61.80 -12.87 41.29
C ASN C 344 62.12 -13.56 42.64
N GLN C 345 61.13 -14.20 43.27
CA GLN C 345 61.30 -14.97 44.55
C GLN C 345 62.02 -16.28 44.24
N GLU C 346 61.63 -16.97 43.15
CA GLU C 346 62.25 -18.24 42.69
C GLU C 346 63.55 -17.96 41.92
N MET C 347 63.69 -16.76 41.34
CA MET C 347 64.92 -16.30 40.63
C MET C 347 66.11 -16.27 41.60
N GLN C 348 65.87 -15.90 42.87
CA GLN C 348 66.90 -15.84 43.94
C GLN C 348 67.26 -17.26 44.40
N LYS C 349 66.32 -18.22 44.30
CA LYS C 349 66.52 -19.63 44.71
C LYS C 349 67.28 -20.41 43.62
N ARG C 350 67.37 -19.87 42.40
CA ARG C 350 68.27 -20.39 41.33
C ARG C 350 69.64 -19.71 41.46
N LYS C 351 69.66 -18.44 41.90
CA LYS C 351 70.90 -17.64 42.10
C LYS C 351 71.68 -18.18 43.32
N GLU C 352 70.99 -18.56 44.39
CA GLU C 352 71.56 -19.28 45.56
C GLU C 352 72.22 -20.57 45.07
N MET C 353 71.44 -21.42 44.39
CA MET C 353 71.80 -22.80 43.99
C MET C 353 72.86 -22.77 42.88
N GLN C 354 72.93 -21.69 42.09
CA GLN C 354 73.99 -21.46 41.08
C GLN C 354 75.33 -21.27 41.81
N LEU C 355 75.36 -20.40 42.82
CA LEU C 355 76.56 -20.11 43.65
C LEU C 355 76.94 -21.34 44.47
N ARG C 356 75.96 -22.03 45.07
CA ARG C 356 76.19 -23.27 45.85
C ARG C 356 76.92 -24.29 44.97
N GLN C 357 76.42 -24.55 43.76
CA GLN C 357 76.97 -25.58 42.83
C GLN C 357 78.26 -25.07 42.16
N GLU C 358 78.57 -23.78 42.29
CA GLU C 358 79.84 -23.17 41.78
C GLU C 358 80.96 -23.38 42.81
N GLU C 359 80.75 -22.97 44.06
CA GLU C 359 81.71 -23.16 45.17
C GLU C 359 81.93 -24.67 45.40
N GLU C 360 80.86 -25.46 45.22
CA GLU C 360 80.86 -26.94 45.41
C GLU C 360 81.76 -27.58 44.35
N ARG C 361 81.78 -27.05 43.12
CA ARG C 361 82.61 -27.55 41.99
C ARG C 361 84.07 -27.09 42.17
N ARG C 362 84.27 -25.80 42.50
CA ARG C 362 85.60 -25.14 42.49
C ARG C 362 86.45 -25.61 43.68
N ARG C 363 85.81 -25.97 44.81
CA ARG C 363 86.50 -26.61 45.97
C ARG C 363 86.93 -28.03 45.57
N ARG C 364 86.04 -28.75 44.89
CA ARG C 364 86.29 -30.14 44.39
C ARG C 364 87.43 -30.12 43.37
N GLU C 365 87.78 -28.95 42.82
CA GLU C 365 88.88 -28.76 41.84
C GLU C 365 90.16 -28.31 42.56
N GLU C 366 90.05 -27.33 43.46
CA GLU C 366 91.19 -26.77 44.24
C GLU C 366 91.78 -27.88 45.12
N GLU C 367 90.94 -28.67 45.79
CA GLU C 367 91.36 -29.72 46.77
C GLU C 367 92.11 -30.85 46.05
N MET C 368 91.93 -31.00 44.73
CA MET C 368 92.69 -31.99 43.91
C MET C 368 94.09 -31.45 43.61
N MET C 369 94.22 -30.14 43.33
CA MET C 369 95.51 -29.48 43.02
C MET C 369 96.44 -29.50 44.25
N ILE C 370 95.88 -29.70 45.44
CA ILE C 370 96.64 -29.81 46.73
C ILE C 370 97.13 -31.25 46.90
N ARG C 371 96.28 -32.24 46.63
CA ARG C 371 96.63 -33.70 46.66
C ARG C 371 97.79 -33.99 45.69
N GLN C 372 97.81 -33.30 44.54
CA GLN C 372 98.89 -33.37 43.52
C GLN C 372 100.25 -33.06 44.17
N ARG C 373 100.29 -32.05 45.04
CA ARG C 373 101.53 -31.49 45.65
C ARG C 373 101.84 -32.15 47.00
N GLU C 374 100.87 -32.90 47.57
CA GLU C 374 101.00 -33.59 48.89
C GLU C 374 102.10 -34.64 48.83
N GLY D 3 -5.21 -43.38 20.02
CA GLY D 3 -5.31 -43.16 21.50
C GLY D 3 -6.56 -42.38 21.85
N LEU D 4 -6.71 -41.18 21.29
CA LEU D 4 -7.88 -40.27 21.49
C LEU D 4 -8.87 -40.48 20.32
N THR D 5 -9.92 -41.27 20.54
CA THR D 5 -10.95 -41.65 19.53
C THR D 5 -11.82 -40.43 19.20
N ILE D 6 -12.24 -40.28 17.93
CA ILE D 6 -13.12 -39.18 17.47
C ILE D 6 -14.57 -39.61 17.65
N ASP D 7 -15.29 -38.94 18.55
CA ASP D 7 -16.72 -39.21 18.87
C ASP D 7 -17.60 -38.56 17.81
N LEU D 8 -18.77 -39.15 17.58
CA LEU D 8 -19.80 -38.68 16.60
C LEU D 8 -21.01 -38.15 17.40
N LYS D 9 -20.90 -36.91 17.89
CA LYS D 9 -21.91 -36.21 18.71
C LYS D 9 -23.03 -35.68 17.80
N ASN D 10 -24.03 -35.03 18.40
CA ASN D 10 -25.15 -34.35 17.69
C ASN D 10 -24.60 -33.47 16.56
N PHE D 11 -25.34 -33.36 15.45
CA PHE D 11 -24.96 -32.58 14.25
C PHE D 11 -24.80 -31.09 14.62
N ARG D 12 -24.09 -30.34 13.77
CA ARG D 12 -23.87 -28.87 13.89
C ARG D 12 -25.22 -28.15 13.70
N LYS D 13 -25.45 -27.10 14.50
CA LYS D 13 -26.60 -26.16 14.37
C LYS D 13 -26.46 -25.39 13.06
N PRO D 14 -27.49 -24.63 12.61
CA PRO D 14 -27.38 -23.83 11.39
C PRO D 14 -26.46 -22.61 11.55
N GLY D 15 -25.51 -22.42 10.63
CA GLY D 15 -24.62 -21.25 10.58
C GLY D 15 -23.28 -21.48 11.29
N GLU D 16 -22.93 -22.73 11.60
CA GLU D 16 -21.58 -23.13 12.11
C GLU D 16 -20.74 -23.57 10.92
N LYS D 17 -19.84 -22.71 10.46
CA LYS D 17 -19.07 -22.87 9.20
C LYS D 17 -17.86 -23.78 9.45
N THR D 18 -17.52 -24.61 8.45
CA THR D 18 -16.40 -25.60 8.51
C THR D 18 -15.28 -25.15 7.57
N PHE D 19 -14.10 -25.75 7.70
CA PHE D 19 -12.90 -25.50 6.87
C PHE D 19 -12.53 -24.01 6.91
N THR D 20 -12.58 -23.40 8.09
CA THR D 20 -12.19 -21.99 8.35
C THR D 20 -10.71 -21.96 8.75
N GLN D 21 -10.06 -20.80 8.61
CA GLN D 21 -8.63 -20.59 9.01
C GLN D 21 -8.41 -21.04 10.45
N ARG D 22 -9.47 -21.15 11.26
CA ARG D 22 -9.40 -21.53 12.69
C ARG D 22 -9.11 -23.02 12.84
N SER D 23 -9.34 -23.82 11.79
CA SER D 23 -9.03 -25.28 11.74
C SER D 23 -7.93 -25.55 10.72
N ARG D 24 -7.12 -24.52 10.41
CA ARG D 24 -5.87 -24.63 9.63
C ARG D 24 -4.72 -24.88 10.61
N LEU D 25 -4.03 -26.02 10.47
CA LEU D 25 -2.87 -26.42 11.31
C LEU D 25 -1.58 -26.20 10.52
N PHE D 26 -0.50 -25.87 11.23
CA PHE D 26 0.88 -25.69 10.71
C PHE D 26 1.71 -26.90 11.17
N VAL D 27 2.41 -27.53 10.23
CA VAL D 27 3.20 -28.79 10.46
C VAL D 27 4.68 -28.53 10.20
N GLY D 28 5.49 -28.50 11.26
CA GLY D 28 6.94 -28.23 11.23
C GLY D 28 7.77 -29.50 11.37
N ASN D 29 9.07 -29.41 11.06
CA ASN D 29 10.06 -30.53 11.12
C ASN D 29 9.60 -31.67 10.20
N LEU D 30 9.02 -31.37 9.05
CA LEU D 30 8.70 -32.41 8.03
C LEU D 30 10.01 -32.91 7.44
N PRO D 31 10.28 -34.23 7.46
CA PRO D 31 11.44 -34.77 6.73
C PRO D 31 11.40 -34.32 5.28
N PRO D 32 12.55 -33.89 4.70
CA PRO D 32 12.59 -33.23 3.39
C PRO D 32 11.92 -33.95 2.20
N ASP D 33 11.73 -35.27 2.27
CA ASP D 33 11.18 -36.09 1.16
C ASP D 33 9.64 -36.05 1.14
N ILE D 34 9.00 -35.37 2.11
CA ILE D 34 7.52 -35.34 2.35
C ILE D 34 6.79 -34.84 1.09
N THR D 35 5.58 -35.40 0.82
CA THR D 35 4.67 -35.02 -0.30
C THR D 35 3.26 -34.75 0.24
N GLU D 36 2.38 -34.21 -0.61
CA GLU D 36 0.96 -33.90 -0.29
C GLU D 36 0.23 -35.19 0.13
N GLU D 37 0.41 -36.27 -0.63
CA GLU D 37 -0.23 -37.60 -0.40
C GLU D 37 0.16 -38.14 0.99
N GLU D 38 1.45 -38.04 1.34
CA GLU D 38 1.98 -38.48 2.66
C GLU D 38 1.28 -37.70 3.78
N MET D 39 1.14 -36.39 3.60
CA MET D 39 0.55 -35.46 4.61
C MET D 39 -0.93 -35.77 4.79
N ARG D 40 -1.67 -35.94 3.69
CA ARG D 40 -3.11 -36.35 3.71
C ARG D 40 -3.23 -37.68 4.47
N LYS D 41 -2.35 -38.65 4.17
CA LYS D 41 -2.32 -40.00 4.80
C LYS D 41 -1.94 -39.88 6.29
N LEU D 42 -1.16 -38.87 6.67
CA LEU D 42 -0.73 -38.61 8.08
C LEU D 42 -1.91 -38.10 8.90
N PHE D 43 -2.84 -37.34 8.29
CA PHE D 43 -4.03 -36.72 8.94
C PHE D 43 -5.31 -37.45 8.53
N GLU D 44 -5.17 -38.64 7.95
CA GLU D 44 -6.26 -39.51 7.41
C GLU D 44 -7.39 -39.64 8.45
N LYS D 45 -7.02 -39.86 9.71
CA LYS D 45 -7.92 -40.11 10.86
C LYS D 45 -8.95 -38.98 11.03
N TYR D 46 -8.52 -37.72 10.89
CA TYR D 46 -9.24 -36.51 11.36
C TYR D 46 -10.14 -35.94 10.25
N GLY D 47 -11.11 -36.74 9.81
CA GLY D 47 -12.09 -36.37 8.78
C GLY D 47 -11.43 -36.08 7.45
N LYS D 48 -12.20 -35.58 6.49
CA LYS D 48 -11.67 -35.06 5.21
C LYS D 48 -10.80 -33.82 5.52
N ALA D 49 -9.63 -33.74 4.89
CA ALA D 49 -8.79 -32.52 4.84
C ALA D 49 -9.03 -31.83 3.49
N GLY D 50 -8.73 -30.53 3.40
CA GLY D 50 -8.95 -29.73 2.18
C GLY D 50 -7.68 -29.04 1.75
N GLU D 51 -7.54 -27.75 2.11
CA GLU D 51 -6.36 -26.90 1.78
C GLU D 51 -5.11 -27.56 2.36
N VAL D 52 -4.32 -28.24 1.52
CA VAL D 52 -2.99 -28.80 1.87
C VAL D 52 -1.94 -27.94 1.16
N PHE D 53 -0.92 -27.47 1.89
CA PHE D 53 0.23 -26.73 1.34
C PHE D 53 1.53 -27.21 2.02
N ILE D 54 2.39 -27.88 1.25
CA ILE D 54 3.75 -28.33 1.64
C ILE D 54 4.77 -27.43 0.97
N HIS D 55 5.77 -26.95 1.70
CA HIS D 55 6.94 -26.21 1.14
C HIS D 55 7.94 -27.22 0.56
N LYS D 56 8.05 -28.41 1.18
CA LYS D 56 8.83 -29.59 0.72
C LYS D 56 10.33 -29.37 1.01
N ASP D 57 10.86 -28.22 0.60
CA ASP D 57 12.30 -27.87 0.68
C ASP D 57 12.61 -27.24 2.04
N LYS D 58 11.66 -26.52 2.64
CA LYS D 58 11.83 -25.86 3.96
C LYS D 58 11.37 -26.79 5.09
N GLY D 59 10.75 -27.93 4.75
CA GLY D 59 10.32 -28.95 5.73
C GLY D 59 9.30 -28.40 6.72
N PHE D 60 8.23 -27.77 6.20
CA PHE D 60 7.06 -27.28 6.98
C PHE D 60 5.89 -27.11 6.01
N GLY D 61 4.66 -27.20 6.52
CA GLY D 61 3.44 -27.20 5.68
C GLY D 61 2.21 -26.76 6.43
N PHE D 62 1.06 -26.74 5.73
CA PHE D 62 -0.28 -26.36 6.24
C PHE D 62 -1.32 -27.37 5.75
N ILE D 63 -2.18 -27.78 6.67
CA ILE D 63 -3.31 -28.73 6.44
C ILE D 63 -4.56 -28.06 7.04
N ARG D 64 -5.66 -28.01 6.30
CA ARG D 64 -6.95 -27.47 6.82
C ARG D 64 -7.90 -28.63 7.08
N LEU D 65 -8.22 -28.86 8.35
CA LEU D 65 -9.22 -29.88 8.78
C LEU D 65 -10.61 -29.22 8.83
N GLU D 66 -11.63 -30.01 9.15
CA GLU D 66 -13.06 -29.61 9.02
C GLU D 66 -13.40 -28.58 10.11
N THR D 67 -13.10 -28.90 11.38
CA THR D 67 -13.54 -28.10 12.56
C THR D 67 -12.39 -27.93 13.55
N ARG D 68 -12.51 -26.91 14.41
CA ARG D 68 -11.51 -26.49 15.43
C ARG D 68 -11.27 -27.65 16.40
N THR D 69 -12.26 -28.51 16.65
CA THR D 69 -12.14 -29.66 17.58
C THR D 69 -11.34 -30.78 16.90
N LEU D 70 -11.65 -31.12 15.64
CA LEU D 70 -10.85 -32.08 14.82
C LEU D 70 -9.38 -31.63 14.85
N ALA D 71 -9.11 -30.37 14.52
CA ALA D 71 -7.78 -29.73 14.51
C ALA D 71 -7.14 -29.78 15.89
N GLU D 72 -7.88 -29.49 16.96
CA GLU D 72 -7.37 -29.53 18.36
C GLU D 72 -6.88 -30.94 18.68
N ILE D 73 -7.59 -31.97 18.21
CA ILE D 73 -7.28 -33.40 18.50
C ILE D 73 -6.02 -33.81 17.74
N ALA D 74 -5.98 -33.55 16.43
CA ALA D 74 -4.81 -33.80 15.55
C ALA D 74 -3.57 -33.18 16.19
N LYS D 75 -3.71 -31.96 16.73
CA LYS D 75 -2.60 -31.21 17.39
C LYS D 75 -2.13 -31.98 18.63
N VAL D 76 -3.05 -32.56 19.43
CA VAL D 76 -2.72 -33.26 20.70
C VAL D 76 -1.95 -34.57 20.41
N GLU D 77 -2.35 -35.30 19.36
CA GLU D 77 -1.79 -36.64 19.03
C GLU D 77 -0.51 -36.52 18.18
N LEU D 78 -0.37 -35.48 17.36
CA LEU D 78 0.73 -35.36 16.35
C LEU D 78 1.86 -34.42 16.82
N ASP D 79 1.64 -33.55 17.81
CA ASP D 79 2.71 -32.64 18.29
C ASP D 79 3.80 -33.52 18.91
N ASN D 80 5.07 -33.28 18.53
CA ASN D 80 6.28 -33.98 19.03
C ASN D 80 6.34 -35.44 18.54
N MET D 81 5.46 -35.86 17.63
CA MET D 81 5.44 -37.27 17.13
C MET D 81 6.63 -37.46 16.17
N PRO D 82 7.57 -38.38 16.46
CA PRO D 82 8.72 -38.59 15.59
C PRO D 82 8.30 -39.20 14.24
N LEU D 83 8.61 -38.49 13.14
CA LEU D 83 8.43 -38.98 11.75
C LEU D 83 9.79 -38.95 11.04
N ARG D 84 10.36 -40.14 10.78
CA ARG D 84 11.63 -40.35 10.05
C ARG D 84 12.74 -39.51 10.71
N GLY D 85 12.83 -39.57 12.04
CA GLY D 85 13.96 -39.03 12.84
C GLY D 85 13.65 -37.66 13.41
N LYS D 86 13.08 -36.77 12.59
CA LYS D 86 12.61 -35.43 13.05
C LYS D 86 11.37 -35.62 13.93
N GLN D 87 11.16 -34.70 14.89
CA GLN D 87 9.95 -34.61 15.76
C GLN D 87 9.05 -33.48 15.25
N LEU D 88 7.85 -33.80 14.75
CA LEU D 88 6.87 -32.82 14.19
C LEU D 88 6.57 -31.74 15.24
N ARG D 89 6.44 -30.49 14.79
CA ARG D 89 5.84 -29.37 15.56
C ARG D 89 4.48 -29.05 14.90
N VAL D 90 3.38 -29.28 15.61
CA VAL D 90 2.01 -28.90 15.15
C VAL D 90 1.58 -27.68 15.96
N ARG D 91 1.18 -26.61 15.27
CA ARG D 91 0.57 -25.39 15.86
C ARG D 91 -0.63 -24.98 15.00
N PHE D 92 -1.59 -24.26 15.58
CA PHE D 92 -2.70 -23.61 14.85
C PHE D 92 -2.12 -22.46 14.01
N ALA D 93 -2.59 -22.31 12.77
CA ALA D 93 -2.15 -21.25 11.83
C ALA D 93 -2.64 -19.89 12.32
N CYS D 94 -1.96 -18.82 11.92
CA CYS D 94 -2.30 -17.41 12.23
C CYS D 94 -3.38 -16.96 11.25
N HIS D 95 -4.35 -16.18 11.71
CA HIS D 95 -5.48 -15.70 10.87
C HIS D 95 -4.95 -14.57 9.97
N SER D 96 -5.16 -14.70 8.66
CA SER D 96 -4.66 -13.76 7.63
C SER D 96 -5.65 -12.60 7.38
N ALA D 97 -6.91 -12.72 7.81
CA ALA D 97 -8.01 -11.76 7.51
C ALA D 97 -8.88 -11.50 8.75
N SER D 98 -8.26 -11.17 9.88
CA SER D 98 -8.91 -10.90 11.18
C SER D 98 -8.96 -9.39 11.44
N LEU D 99 -10.13 -8.85 11.80
CA LEU D 99 -10.34 -7.39 11.99
C LEU D 99 -10.95 -7.10 13.36
N THR D 100 -10.49 -6.00 13.95
CA THR D 100 -11.04 -5.40 15.20
C THR D 100 -12.03 -4.31 14.79
N VAL D 101 -13.28 -4.42 15.27
CA VAL D 101 -14.36 -3.43 15.05
C VAL D 101 -14.57 -2.68 16.37
N ARG D 102 -14.36 -1.37 16.38
CA ARG D 102 -14.53 -0.48 17.56
C ARG D 102 -15.71 0.45 17.33
N ASN D 103 -16.14 1.15 18.38
CA ASN D 103 -17.29 2.09 18.36
C ASN D 103 -18.51 1.35 17.81
N LEU D 104 -18.75 0.13 18.28
CA LEU D 104 -20.02 -0.60 18.05
C LEU D 104 -21.16 0.25 18.60
N PRO D 105 -22.39 0.12 18.05
CA PRO D 105 -23.56 0.74 18.68
C PRO D 105 -23.85 0.03 20.00
N GLN D 106 -24.70 0.63 20.84
CA GLN D 106 -25.09 0.09 22.18
C GLN D 106 -25.77 -1.28 22.02
N TYR D 107 -26.55 -1.47 20.96
CA TYR D 107 -27.36 -2.68 20.71
C TYR D 107 -26.82 -3.39 19.46
N VAL D 108 -26.17 -4.54 19.70
CA VAL D 108 -25.39 -5.36 18.71
C VAL D 108 -25.54 -6.85 19.06
N SER D 109 -25.41 -7.71 18.05
CA SER D 109 -25.29 -9.17 18.19
C SER D 109 -24.15 -9.68 17.29
N ASN D 110 -23.64 -10.88 17.59
CA ASN D 110 -22.70 -11.64 16.72
C ASN D 110 -23.31 -11.72 15.31
N GLU D 111 -24.61 -12.02 15.22
CA GLU D 111 -25.34 -12.24 13.94
C GLU D 111 -25.41 -10.93 13.14
N LEU D 112 -25.61 -9.80 13.81
CA LEU D 112 -25.69 -8.47 13.14
C LEU D 112 -24.33 -8.16 12.48
N LEU D 113 -23.24 -8.34 13.24
CA LEU D 113 -21.85 -8.07 12.83
C LEU D 113 -21.49 -8.97 11.63
N GLU D 114 -21.90 -10.24 11.67
CA GLU D 114 -21.71 -11.24 10.59
C GLU D 114 -22.45 -10.80 9.32
N GLU D 115 -23.68 -10.33 9.47
CA GLU D 115 -24.59 -9.99 8.35
C GLU D 115 -24.13 -8.67 7.74
N ALA D 116 -23.68 -7.73 8.58
CA ALA D 116 -23.21 -6.39 8.17
C ALA D 116 -21.97 -6.51 7.27
N PHE D 117 -20.92 -7.19 7.74
CA PHE D 117 -19.60 -7.24 7.07
C PHE D 117 -19.61 -8.25 5.91
N SER D 118 -20.64 -9.08 5.79
CA SER D 118 -20.80 -10.05 4.68
C SER D 118 -20.82 -9.33 3.33
N VAL D 119 -21.07 -8.01 3.33
CA VAL D 119 -21.05 -7.14 2.11
C VAL D 119 -19.66 -7.24 1.45
N PHE D 120 -18.60 -7.19 2.27
CA PHE D 120 -17.19 -7.08 1.82
C PHE D 120 -16.66 -8.45 1.36
N GLY D 121 -17.31 -9.55 1.75
CA GLY D 121 -16.89 -10.93 1.45
C GLY D 121 -17.30 -11.91 2.54
N GLN D 122 -17.06 -13.21 2.31
CA GLN D 122 -17.44 -14.32 3.22
C GLN D 122 -16.82 -14.11 4.60
N VAL D 123 -17.67 -13.96 5.62
CA VAL D 123 -17.27 -13.90 7.06
C VAL D 123 -17.27 -15.35 7.59
N GLU D 124 -16.12 -15.83 8.06
CA GLU D 124 -16.00 -17.12 8.77
C GLU D 124 -16.70 -17.01 10.13
N ARG D 125 -16.53 -15.86 10.80
CA ARG D 125 -16.83 -15.66 12.24
C ARG D 125 -16.93 -14.16 12.54
N ALA D 126 -17.86 -13.79 13.42
CA ALA D 126 -18.01 -12.42 13.94
C ALA D 126 -18.48 -12.49 15.40
N VAL D 127 -17.70 -11.96 16.33
CA VAL D 127 -17.98 -11.98 17.79
C VAL D 127 -18.04 -10.54 18.29
N VAL D 128 -19.09 -10.22 19.06
CA VAL D 128 -19.18 -9.01 19.92
C VAL D 128 -18.56 -9.38 21.26
N ILE D 129 -17.39 -8.83 21.60
CA ILE D 129 -16.72 -9.08 22.91
C ILE D 129 -17.62 -8.55 24.02
N VAL D 130 -17.65 -9.24 25.17
CA VAL D 130 -18.49 -8.91 26.36
C VAL D 130 -17.66 -9.12 27.63
N ASP D 131 -18.03 -8.45 28.72
CA ASP D 131 -17.36 -8.49 30.05
C ASP D 131 -17.85 -9.72 30.84
N ASP D 132 -17.47 -9.82 32.13
CA ASP D 132 -17.77 -10.98 33.02
C ASP D 132 -19.28 -11.11 33.26
N ARG D 133 -20.08 -10.04 33.06
CA ARG D 133 -21.55 -10.03 33.24
C ARG D 133 -22.28 -10.08 31.88
N GLY D 134 -21.57 -10.40 30.80
CA GLY D 134 -22.13 -10.53 29.43
C GLY D 134 -22.60 -9.21 28.84
N ARG D 135 -21.97 -8.09 29.21
CA ARG D 135 -22.25 -6.75 28.65
C ARG D 135 -21.19 -6.40 27.61
N PRO D 136 -21.58 -5.85 26.43
CA PRO D 136 -20.64 -5.59 25.35
C PRO D 136 -19.58 -4.56 25.74
N SER D 137 -18.30 -4.89 25.50
CA SER D 137 -17.11 -4.05 25.79
C SER D 137 -17.06 -2.84 24.86
N GLY D 138 -17.63 -2.96 23.65
CA GLY D 138 -17.62 -1.90 22.62
C GLY D 138 -16.74 -2.28 21.45
N LYS D 139 -15.85 -3.27 21.63
CA LYS D 139 -15.07 -3.91 20.54
C LYS D 139 -15.79 -5.16 20.02
N GLY D 140 -15.44 -5.56 18.79
CA GLY D 140 -15.88 -6.81 18.14
C GLY D 140 -14.79 -7.36 17.23
N ILE D 141 -14.93 -8.62 16.81
CA ILE D 141 -13.97 -9.33 15.91
C ILE D 141 -14.74 -9.80 14.67
N VAL D 142 -14.31 -9.38 13.49
CA VAL D 142 -14.77 -9.97 12.20
C VAL D 142 -13.58 -10.70 11.58
N GLU D 143 -13.78 -11.97 11.22
CA GLU D 143 -12.78 -12.85 10.55
C GLU D 143 -13.35 -13.22 9.18
N PHE D 144 -12.67 -12.84 8.11
CA PHE D 144 -13.03 -13.20 6.71
C PHE D 144 -12.29 -14.47 6.30
N SER D 145 -12.78 -15.14 5.25
CA SER D 145 -12.10 -16.31 4.62
C SER D 145 -10.93 -15.81 3.77
N GLY D 146 -11.17 -14.82 2.90
CA GLY D 146 -10.13 -14.18 2.05
C GLY D 146 -9.49 -12.98 2.73
N LYS D 147 -8.19 -12.76 2.50
CA LYS D 147 -7.43 -11.54 2.92
C LYS D 147 -7.88 -10.32 2.12
N PRO D 148 -8.22 -10.46 0.81
CA PRO D 148 -8.75 -9.34 0.04
C PRO D 148 -10.02 -8.72 0.65
N ALA D 149 -10.95 -9.57 1.09
CA ALA D 149 -12.21 -9.17 1.76
C ALA D 149 -11.88 -8.25 2.94
N ALA D 150 -10.94 -8.66 3.79
CA ALA D 150 -10.49 -7.90 4.98
C ALA D 150 -9.98 -6.51 4.57
N ARG D 151 -9.23 -6.42 3.46
CA ARG D 151 -8.62 -5.13 3.01
C ARG D 151 -9.69 -4.27 2.34
N LYS D 152 -10.71 -4.89 1.75
CA LYS D 152 -11.92 -4.19 1.21
C LYS D 152 -12.59 -3.44 2.36
N ALA D 153 -13.03 -4.19 3.38
CA ALA D 153 -13.71 -3.66 4.59
C ALA D 153 -12.84 -2.57 5.21
N LEU D 154 -11.56 -2.84 5.41
CA LEU D 154 -10.61 -1.88 6.03
C LEU D 154 -10.60 -0.57 5.21
N ASP D 155 -10.47 -0.68 3.90
CA ASP D 155 -10.34 0.48 2.98
C ASP D 155 -11.71 1.20 2.89
N ARG D 156 -12.79 0.46 2.65
CA ARG D 156 -14.13 1.06 2.46
C ARG D 156 -14.62 1.70 3.76
N CYS D 157 -14.50 1.01 4.92
CA CYS D 157 -14.98 1.50 6.24
C CYS D 157 -14.10 2.63 6.75
N SER D 158 -12.96 2.89 6.09
CA SER D 158 -12.03 4.01 6.42
C SER D 158 -12.44 5.25 5.63
N GLU D 159 -12.66 5.11 4.32
CA GLU D 159 -13.01 6.24 3.41
C GLU D 159 -14.50 6.59 3.56
N GLY D 160 -15.36 5.64 3.96
CA GLY D 160 -16.81 5.83 4.09
C GLY D 160 -17.29 5.66 5.53
N SER D 161 -18.57 5.92 5.80
CA SER D 161 -19.19 5.82 7.15
C SER D 161 -20.13 4.62 7.20
N PHE D 162 -19.69 3.51 7.80
CA PHE D 162 -20.43 2.23 7.85
C PHE D 162 -21.25 2.18 9.14
N LEU D 163 -22.56 2.03 8.99
CA LEU D 163 -23.55 2.06 10.10
C LEU D 163 -24.30 0.73 10.09
N LEU D 164 -24.46 0.10 11.25
CA LEU D 164 -25.03 -1.27 11.38
C LEU D 164 -26.49 -1.20 11.85
N THR D 165 -26.85 -0.15 12.61
CA THR D 165 -28.22 0.07 13.16
C THR D 165 -28.67 1.48 12.75
N THR D 166 -29.80 1.96 13.27
CA THR D 166 -30.44 3.23 12.85
C THR D 166 -29.53 4.41 13.16
N PHE D 167 -28.99 4.49 14.38
CA PHE D 167 -28.19 5.64 14.87
C PHE D 167 -26.98 5.82 13.96
N PRO D 168 -26.76 7.02 13.38
CA PRO D 168 -25.71 7.23 12.39
C PRO D 168 -24.28 7.47 12.97
N ARG D 169 -23.83 6.62 13.90
CA ARG D 169 -22.42 6.56 14.38
C ARG D 169 -21.68 5.50 13.58
N PRO D 170 -20.76 5.89 12.67
CA PRO D 170 -20.00 4.93 11.89
C PRO D 170 -19.07 4.10 12.79
N VAL D 171 -18.98 2.82 12.46
CA VAL D 171 -18.06 1.84 13.08
C VAL D 171 -16.63 2.19 12.63
N THR D 172 -15.60 1.77 13.37
CA THR D 172 -14.19 1.94 12.95
C THR D 172 -13.50 0.56 12.94
N VAL D 173 -12.98 0.18 11.78
CA VAL D 173 -12.38 -1.16 11.49
C VAL D 173 -10.85 -1.00 11.47
N GLU D 174 -10.16 -1.77 12.30
CA GLU D 174 -8.68 -1.84 12.40
C GLU D 174 -8.21 -3.25 12.08
N PRO D 175 -6.96 -3.43 11.61
CA PRO D 175 -6.36 -4.76 11.54
C PRO D 175 -6.24 -5.33 12.97
N MET D 176 -6.66 -6.58 13.14
CA MET D 176 -6.54 -7.32 14.41
C MET D 176 -5.05 -7.50 14.73
N ASP D 177 -4.64 -7.12 15.93
CA ASP D 177 -3.29 -7.39 16.50
C ASP D 177 -3.28 -8.83 17.01
N GLN D 178 -2.78 -9.78 16.20
CA GLN D 178 -2.75 -11.24 16.53
C GLN D 178 -1.75 -11.49 17.66
N LEU D 179 -2.24 -11.90 18.84
CA LEU D 179 -1.45 -12.12 20.08
C LEU D 179 -1.43 -13.61 20.42
N ASP D 180 -0.42 -14.04 21.19
CA ASP D 180 -0.25 -15.44 21.65
C ASP D 180 -0.06 -15.46 23.17
N ASP D 181 -0.98 -16.10 23.90
CA ASP D 181 -0.90 -16.31 25.38
C ASP D 181 -0.83 -17.81 25.68
N GLU D 182 -0.61 -18.65 24.66
CA GLU D 182 -0.42 -20.12 24.78
C GLU D 182 1.07 -20.41 24.97
N GLU D 183 1.85 -20.34 23.89
CA GLU D 183 3.29 -20.73 23.84
C GLU D 183 4.14 -19.67 24.58
N GLY D 184 3.82 -18.39 24.39
CA GLY D 184 4.47 -17.25 25.07
C GLY D 184 5.87 -16.99 24.51
N LEU D 185 6.78 -16.51 25.37
CA LEU D 185 8.22 -16.28 25.08
C LEU D 185 9.06 -17.16 26.01
N PRO D 186 9.34 -18.44 25.64
CA PRO D 186 10.10 -19.35 26.50
C PRO D 186 11.62 -19.20 26.33
N GLU D 187 12.35 -19.43 27.43
CA GLU D 187 13.78 -19.10 27.64
C GLU D 187 14.62 -19.50 26.42
N LYS D 188 14.38 -20.69 25.87
CA LYS D 188 15.20 -21.26 24.75
C LYS D 188 14.93 -20.46 23.47
N LEU D 189 13.75 -19.86 23.32
CA LEU D 189 13.39 -19.02 22.15
C LEU D 189 13.81 -17.56 22.38
N VAL D 190 14.09 -17.18 23.62
CA VAL D 190 14.57 -15.81 23.98
C VAL D 190 15.94 -15.60 23.34
N ILE D 191 16.11 -14.48 22.61
CA ILE D 191 17.38 -14.13 21.90
C ILE D 191 18.45 -13.79 22.95
N LYS D 192 19.66 -14.30 22.78
CA LYS D 192 20.82 -14.06 23.68
C LYS D 192 21.83 -13.15 22.97
N ASN D 193 21.71 -11.83 23.17
CA ASN D 193 22.60 -10.79 22.58
C ASN D 193 23.28 -10.00 23.71
N GLN D 194 23.96 -8.90 23.36
CA GLN D 194 24.78 -8.08 24.29
C GLN D 194 23.89 -7.48 25.39
N GLN D 195 22.66 -7.08 25.04
CA GLN D 195 21.70 -6.43 25.98
C GLN D 195 21.09 -7.49 26.92
N PHE D 196 20.84 -8.71 26.41
CA PHE D 196 20.25 -9.83 27.19
C PHE D 196 21.06 -10.03 28.48
N HIS D 197 22.35 -10.31 28.31
CA HIS D 197 23.29 -10.68 29.40
C HIS D 197 23.42 -9.50 30.38
N LYS D 198 23.29 -8.27 29.87
CA LYS D 198 23.23 -7.02 30.70
C LYS D 198 22.01 -7.08 31.62
N GLU D 199 20.85 -7.52 31.10
CA GLU D 199 19.54 -7.46 31.79
C GLU D 199 19.40 -8.60 32.81
N ARG D 200 20.01 -9.75 32.54
CA ARG D 200 19.94 -10.95 33.42
C ARG D 200 21.06 -10.93 34.47
N GLU D 201 21.91 -9.89 34.44
CA GLU D 201 23.06 -9.67 35.35
C GLU D 201 22.56 -9.58 36.80
N GLN D 202 21.40 -8.96 37.02
CA GLN D 202 20.77 -8.79 38.36
C GLN D 202 19.46 -9.57 38.40
N PRO D 203 19.15 -10.25 39.53
CA PRO D 203 17.97 -11.11 39.60
C PRO D 203 16.70 -10.34 39.96
N PRO D 204 15.51 -10.97 39.85
CA PRO D 204 14.25 -10.34 40.27
C PRO D 204 14.26 -9.98 41.76
N ARG D 205 14.07 -8.70 42.07
CA ARG D 205 14.21 -8.14 43.45
C ARG D 205 13.33 -6.90 43.60
N PHE D 206 12.99 -6.54 44.84
CA PHE D 206 12.43 -5.21 45.20
C PHE D 206 13.61 -4.24 45.35
N ALA D 207 13.41 -2.97 44.98
CA ALA D 207 14.42 -1.89 45.09
C ALA D 207 14.50 -1.47 46.56
N GLN D 208 15.72 -1.17 47.05
CA GLN D 208 15.99 -0.70 48.42
C GLN D 208 15.62 0.78 48.52
N PRO D 209 14.65 1.18 49.36
CA PRO D 209 14.35 2.60 49.58
C PRO D 209 15.58 3.36 50.09
N GLY D 210 16.16 4.23 49.25
CA GLY D 210 17.42 4.94 49.50
C GLY D 210 18.39 4.82 48.33
N SER D 211 18.35 3.69 47.60
CA SER D 211 19.20 3.40 46.41
C SER D 211 18.72 4.22 45.22
N PHE D 212 19.56 4.33 44.18
CA PHE D 212 19.27 5.04 42.91
C PHE D 212 18.34 4.18 42.05
N GLU D 213 18.56 2.85 42.08
CA GLU D 213 17.63 1.80 41.61
C GLU D 213 16.17 2.23 41.90
N TYR D 214 15.85 2.41 43.19
CA TYR D 214 14.50 2.73 43.72
C TYR D 214 14.05 4.12 43.27
N GLU D 215 14.98 5.06 43.13
CA GLU D 215 14.72 6.47 42.73
C GLU D 215 14.25 6.51 41.27
N TYR D 216 14.86 5.71 40.39
CA TYR D 216 14.58 5.69 38.94
C TYR D 216 13.26 4.95 38.69
N ALA D 217 13.09 3.78 39.30
CA ALA D 217 11.88 2.92 39.17
C ALA D 217 10.63 3.65 39.67
N MET D 218 10.76 4.49 40.71
CA MET D 218 9.61 5.23 41.31
C MET D 218 9.20 6.38 40.39
N ARG D 219 10.15 6.94 39.63
CA ARG D 219 9.90 7.99 38.61
C ARG D 219 9.25 7.34 37.38
N TRP D 220 9.70 6.12 37.01
CA TRP D 220 9.07 5.32 35.92
C TRP D 220 7.60 5.07 36.29
N LYS D 221 7.32 4.63 37.52
CA LYS D 221 5.94 4.42 38.03
C LYS D 221 5.14 5.72 37.90
N ALA D 222 5.78 6.88 38.14
CA ALA D 222 5.17 8.22 38.03
C ALA D 222 4.75 8.49 36.58
N LEU D 223 5.62 8.17 35.62
CA LEU D 223 5.35 8.37 34.16
C LEU D 223 4.13 7.54 33.75
N ILE D 224 4.05 6.29 34.22
CA ILE D 224 2.95 5.35 33.89
C ILE D 224 1.62 5.90 34.44
N GLU D 225 1.64 6.46 35.65
CA GLU D 225 0.45 7.08 36.30
C GLU D 225 0.05 8.32 35.48
N MET D 226 0.99 9.20 35.17
CA MET D 226 0.73 10.48 34.44
C MET D 226 0.20 10.19 33.03
N GLU D 227 0.70 9.15 32.36
CA GLU D 227 0.24 8.73 31.01
C GLU D 227 -1.21 8.23 31.10
N LYS D 228 -1.51 7.42 32.13
CA LYS D 228 -2.87 6.86 32.37
C LYS D 228 -3.85 7.99 32.73
N GLN D 229 -3.38 8.98 33.50
CA GLN D 229 -4.14 10.21 33.88
C GLN D 229 -4.49 11.01 32.62
N GLN D 230 -3.53 11.15 31.70
CA GLN D 230 -3.70 11.93 30.43
C GLN D 230 -4.61 11.17 29.48
N GLN D 231 -4.54 9.83 29.46
CA GLN D 231 -5.39 8.98 28.58
C GLN D 231 -6.84 9.09 29.05
N ASP D 232 -7.04 9.23 30.36
CA ASP D 232 -8.37 9.48 31.01
C ASP D 232 -8.86 10.89 30.67
N GLN D 233 -7.98 11.88 30.65
CA GLN D 233 -8.34 13.29 30.34
C GLN D 233 -8.87 13.38 28.90
N VAL D 234 -8.39 12.51 28.01
CA VAL D 234 -8.87 12.41 26.59
C VAL D 234 -10.35 11.96 26.64
N ASP D 235 -10.62 10.80 27.25
CA ASP D 235 -12.00 10.28 27.49
C ASP D 235 -12.93 11.47 27.78
N ARG D 236 -12.54 12.33 28.73
CA ARG D 236 -13.32 13.49 29.24
C ARG D 236 -13.45 14.55 28.14
N ASN D 237 -12.33 14.90 27.48
CA ASN D 237 -12.30 15.87 26.36
C ASN D 237 -13.24 15.36 25.25
N ILE D 238 -13.23 14.04 25.00
CA ILE D 238 -14.00 13.39 23.91
C ILE D 238 -15.47 13.27 24.33
N LYS D 239 -15.75 12.91 25.58
CA LYS D 239 -17.13 12.77 26.12
C LYS D 239 -17.87 14.11 26.02
N GLU D 240 -17.19 15.23 26.24
CA GLU D 240 -17.82 16.58 26.18
C GLU D 240 -18.30 16.87 24.75
N ALA D 241 -17.39 16.80 23.77
CA ALA D 241 -17.66 17.13 22.35
C ALA D 241 -18.65 16.13 21.74
N ARG D 242 -18.63 14.88 22.24
CA ARG D 242 -19.61 13.81 21.88
C ARG D 242 -21.01 14.28 22.29
N GLU D 243 -21.18 14.63 23.57
CA GLU D 243 -22.46 15.06 24.16
C GLU D 243 -23.00 16.30 23.42
N LYS D 244 -22.15 17.29 23.13
CA LYS D 244 -22.52 18.48 22.33
C LYS D 244 -23.05 18.03 20.95
N LEU D 245 -22.41 17.02 20.35
CA LEU D 245 -22.76 16.52 19.00
C LEU D 245 -24.10 15.79 19.09
N GLU D 246 -24.27 14.95 20.11
CA GLU D 246 -25.52 14.19 20.38
C GLU D 246 -26.67 15.19 20.61
N MET D 247 -26.38 16.31 21.27
CA MET D 247 -27.33 17.41 21.58
C MET D 247 -27.72 18.13 20.29
N GLU D 248 -26.76 18.42 19.42
CA GLU D 248 -26.98 19.10 18.12
C GLU D 248 -27.81 18.21 17.19
N MET D 249 -27.57 16.89 17.22
CA MET D 249 -28.36 15.86 16.49
C MET D 249 -29.77 15.82 17.06
N GLU D 250 -29.89 15.81 18.39
CA GLU D 250 -31.18 15.74 19.12
C GLU D 250 -32.06 16.90 18.64
N ALA D 251 -31.49 18.11 18.56
CA ALA D 251 -32.15 19.35 18.07
C ALA D 251 -32.46 19.24 16.58
N ALA D 252 -31.57 18.62 15.81
CA ALA D 252 -31.67 18.47 14.34
C ALA D 252 -32.89 17.60 13.99
N ARG D 253 -33.23 16.64 14.85
CA ARG D 253 -34.37 15.69 14.67
C ARG D 253 -35.71 16.40 14.88
N HIS D 254 -35.70 17.63 15.39
CA HIS D 254 -36.93 18.43 15.65
C HIS D 254 -37.41 19.13 14.36
N GLU D 255 -36.60 19.16 13.31
CA GLU D 255 -36.77 20.08 12.15
C GLU D 255 -37.12 19.34 10.86
N HIS D 256 -37.15 18.01 10.84
CA HIS D 256 -37.44 17.20 9.63
C HIS D 256 -36.24 17.28 8.66
S SO4 E . -14.89 -13.57 -0.30
O1 SO4 E . -14.80 -13.81 1.11
O2 SO4 E . -14.43 -14.73 -1.02
O3 SO4 E . -16.26 -13.30 -0.66
O4 SO4 E . -14.06 -12.44 -0.64
#